data_6OMQ
#
_entry.id   6OMQ
#
_cell.length_a   112.564
_cell.length_b   122.864
_cell.length_c   139.936
_cell.angle_alpha   90.000
_cell.angle_beta   90.000
_cell.angle_gamma   90.000
#
_symmetry.space_group_name_H-M   'I 2 2 2'
#
loop_
_entity.id
_entity.type
_entity.pdbx_description
1 polymer PtmU3
2 non-polymer 'ACETATE ION'
3 non-polymer 'MANGANESE (II) ION'
4 non-polymer 'S-[2-({N-[(2R)-2-hydroxy-3,3-dimethyl-4-(phosphonooxy)butanoyl]-beta-alanyl}amino)ethyl] (5beta,7alpha,8alpha,10alpha,11alpha,13alpha)-7-hydroxy-11,16-epoxykaurane-18-thioate'
5 water water
#
_entity_poly.entity_id   1
_entity_poly.type   'polypeptide(L)'
_entity_poly.pdbx_seq_one_letter_code
;MEKLWLNSADSHVLEPDDLWERALPAALRDRAPRCVRDNGRETVYVDGQVVRRDPLDFADAMRPPGALDHHIRLKDLDDQ
GIWGEVVFPSRGLWTAVMTDPVLARECIKVYNDWLKSDFLSLSPRLVGAAMVSMLDTDDAVAELRRAADLGYQTVFLAAT
PPPGREFNMDVWEPLWAAAEEAGMTVSIHIGTGADTVVARGPGGAVINYVETLFPAQRAVAQLVASGALDRHPGLRVLIA
EAGCAWVPALADRMDEAYRQHGMFVRPKLSMLPGELVRRQVYASFQHDETAIGAVTAMNYTNVLWGSDYPHLEGTFPRTQ
EVVTELFAGVDPEVRDLITRRNFTDLFTVPALPATV
;
_entity_poly.pdbx_strand_id   A,B
#
loop_
_chem_comp.id
_chem_comp.type
_chem_comp.name
_chem_comp.formula
ACT non-polymer 'ACETATE ION' 'C2 H3 O2 -1'
MN non-polymer 'MANGANESE (II) ION' 'Mn 2'
MZD non-polymer 'S-[2-({N-[(2R)-2-hydroxy-3,3-dimethyl-4-(phosphonooxy)butanoyl]-beta-alanyl}amino)ethyl] (5beta,7alpha,8alpha,10alpha,11alpha,13alpha)-7-hydroxy-11,16-epoxykaurane-18-thioate' 'C31 H51 N2 O10 P S'
#
# COMPACT_ATOMS: atom_id res chain seq x y z
N MET A 1 19.35 27.03 19.52
CA MET A 1 20.31 27.03 20.68
C MET A 1 20.77 25.60 21.02
N GLU A 2 19.96 24.56 20.75
CA GLU A 2 20.40 23.13 20.83
C GLU A 2 19.84 22.33 19.65
N LYS A 3 20.75 21.74 18.89
CA LYS A 3 20.45 21.02 17.64
C LYS A 3 21.24 19.72 17.70
N LEU A 4 20.78 18.73 16.94
CA LEU A 4 21.44 17.41 16.74
C LEU A 4 21.82 17.31 15.26
N TRP A 5 23.06 16.93 14.93
CA TRP A 5 23.38 16.66 13.51
C TRP A 5 22.57 15.45 13.02
N LEU A 6 22.00 15.59 11.82
CA LEU A 6 21.26 14.56 11.03
C LEU A 6 21.87 14.44 9.63
N ASN A 7 21.74 13.30 8.96
CA ASN A 7 21.94 13.18 7.49
C ASN A 7 20.55 12.99 6.87
N SER A 8 20.38 13.45 5.64
CA SER A 8 19.07 13.44 4.94
C SER A 8 19.20 12.57 3.70
N ALA A 9 18.31 11.57 3.56
CA ALA A 9 18.26 10.71 2.36
C ALA A 9 17.37 11.29 1.25
N ASP A 10 16.89 12.54 1.34
CA ASP A 10 16.02 13.10 0.30
C ASP A 10 15.90 14.62 0.34
N SER A 11 16.15 15.19 -0.83
CA SER A 11 15.95 16.61 -1.16
C SER A 11 15.99 16.74 -2.67
N HIS A 12 15.61 17.91 -3.16
CA HIS A 12 15.49 18.23 -4.58
C HIS A 12 16.28 19.52 -4.88
N VAL A 13 16.86 19.56 -6.05
CA VAL A 13 17.44 20.79 -6.66
C VAL A 13 16.61 21.29 -7.85
N LEU A 14 16.44 22.62 -7.92
CA LEU A 14 15.81 23.30 -9.07
C LEU A 14 16.87 23.61 -10.11
N GLU A 15 16.76 23.00 -11.26
CA GLU A 15 17.72 23.14 -12.37
C GLU A 15 17.56 24.54 -12.95
N PRO A 16 18.58 25.09 -13.64
CA PRO A 16 18.42 26.36 -14.35
C PRO A 16 17.36 26.19 -15.45
N ASP A 17 16.48 27.18 -15.58
CA ASP A 17 15.41 27.25 -16.61
C ASP A 17 16.00 26.84 -17.97
N ASP A 18 17.16 27.40 -18.34
CA ASP A 18 17.75 27.18 -19.68
C ASP A 18 18.76 26.02 -19.70
N LEU A 19 18.81 25.17 -18.67
CA LEU A 19 19.79 24.05 -18.60
C LEU A 19 19.88 23.28 -19.93
N TRP A 20 18.74 22.85 -20.46
CA TRP A 20 18.69 21.96 -21.64
C TRP A 20 18.71 22.82 -22.92
N GLU A 21 17.97 23.93 -22.94
CA GLU A 21 17.98 24.90 -24.07
C GLU A 21 19.44 25.19 -24.46
N ARG A 22 20.29 25.56 -23.51
CA ARG A 22 21.66 26.07 -23.79
C ARG A 22 22.60 24.92 -24.19
N ALA A 23 22.32 23.67 -23.82
CA ALA A 23 23.28 22.55 -23.89
C ALA A 23 22.94 21.54 -24.98
N LEU A 24 21.70 21.50 -25.48
CA LEU A 24 21.27 20.45 -26.44
C LEU A 24 21.32 20.99 -27.87
N PRO A 25 21.57 20.11 -28.86
CA PRO A 25 21.39 20.42 -30.28
C PRO A 25 19.96 20.82 -30.63
N ALA A 26 19.76 21.39 -31.82
CA ALA A 26 18.52 22.11 -32.17
C ALA A 26 17.38 21.09 -32.37
N ALA A 27 17.69 19.84 -32.72
CA ALA A 27 16.66 18.81 -32.97
C ALA A 27 15.96 18.43 -31.64
N LEU A 28 16.63 18.66 -30.50
CA LEU A 28 16.27 18.18 -29.14
C LEU A 28 15.90 19.35 -28.22
N ARG A 29 16.52 20.54 -28.44
CA ARG A 29 16.65 21.59 -27.40
C ARG A 29 15.30 22.21 -27.06
N ASP A 30 14.30 22.12 -27.96
CA ASP A 30 12.98 22.76 -27.72
C ASP A 30 12.02 21.78 -27.01
N ARG A 31 12.42 20.52 -26.87
CA ARG A 31 11.51 19.41 -26.46
C ARG A 31 11.76 19.00 -25.00
N ALA A 32 12.76 19.59 -24.34
CA ALA A 32 13.20 19.21 -22.99
C ALA A 32 12.27 19.84 -21.95
N PRO A 33 12.23 19.33 -20.70
CA PRO A 33 11.25 19.79 -19.71
C PRO A 33 11.37 21.30 -19.49
N ARG A 34 10.22 21.97 -19.50
CA ARG A 34 10.05 23.43 -19.37
C ARG A 34 8.96 23.64 -18.32
N CYS A 35 9.30 24.26 -17.20
CA CYS A 35 8.33 24.63 -16.14
C CYS A 35 7.87 26.07 -16.34
N VAL A 36 6.57 26.35 -16.30
CA VAL A 36 6.07 27.76 -16.28
C VAL A 36 5.25 27.93 -15.01
N ARG A 37 5.53 28.99 -14.25
CA ARG A 37 4.74 29.35 -13.04
C ARG A 37 4.16 30.72 -13.36
N ASP A 38 2.86 30.75 -13.58
CA ASP A 38 2.16 31.96 -14.07
C ASP A 38 0.71 31.87 -13.60
N ASN A 39 0.15 32.97 -13.17
CA ASN A 39 -1.31 33.07 -12.94
C ASN A 39 -1.80 31.99 -11.97
N GLY A 40 -1.00 31.62 -10.96
CA GLY A 40 -1.45 30.73 -9.89
C GLY A 40 -1.44 29.28 -10.28
N ARG A 41 -0.69 28.94 -11.32
CA ARG A 41 -0.53 27.55 -11.83
C ARG A 41 0.91 27.27 -12.21
N GLU A 42 1.28 26.01 -12.08
CA GLU A 42 2.53 25.46 -12.64
C GLU A 42 2.18 24.59 -13.84
N THR A 43 2.77 24.89 -14.98
CA THR A 43 2.58 24.12 -16.23
C THR A 43 3.93 23.51 -16.60
N VAL A 44 4.00 22.22 -16.91
CA VAL A 44 5.24 21.57 -17.40
C VAL A 44 4.98 21.02 -18.81
N TYR A 45 5.83 21.41 -19.75
CA TYR A 45 5.86 20.98 -21.17
C TYR A 45 6.99 20.00 -21.29
N VAL A 46 6.73 18.85 -21.87
CA VAL A 46 7.75 17.83 -22.25
C VAL A 46 7.44 17.36 -23.66
N ASP A 47 8.37 17.54 -24.59
CA ASP A 47 8.29 17.03 -25.98
C ASP A 47 6.90 17.25 -26.59
N GLY A 48 6.36 18.46 -26.50
CA GLY A 48 5.10 18.85 -27.15
C GLY A 48 3.87 18.47 -26.34
N GLN A 49 4.04 17.97 -25.12
CA GLN A 49 2.93 17.52 -24.25
C GLN A 49 2.88 18.37 -22.98
N VAL A 50 1.69 18.79 -22.55
CA VAL A 50 1.42 19.31 -21.19
C VAL A 50 1.34 18.11 -20.24
N VAL A 51 2.37 17.92 -19.41
CA VAL A 51 2.44 16.77 -18.46
C VAL A 51 1.97 17.19 -17.06
N ARG A 52 1.83 18.49 -16.80
CA ARG A 52 1.30 18.94 -15.51
C ARG A 52 0.70 20.31 -15.70
N ARG A 53 -0.34 20.56 -14.93
CA ARG A 53 -1.08 21.82 -14.87
C ARG A 53 -1.70 21.88 -13.48
N ASP A 54 -0.92 22.28 -12.48
CA ASP A 54 -1.23 22.13 -11.03
C ASP A 54 -1.51 23.50 -10.44
N PRO A 55 -2.48 23.65 -9.52
CA PRO A 55 -2.67 24.92 -8.85
C PRO A 55 -1.48 25.15 -7.92
N LEU A 56 -1.11 26.42 -7.82
CA LEU A 56 -0.18 26.96 -6.80
C LEU A 56 -0.98 27.76 -5.79
N ASP A 57 -0.44 27.93 -4.61
CA ASP A 57 -1.03 28.87 -3.65
C ASP A 57 -0.03 30.02 -3.50
N PHE A 58 -0.26 31.14 -4.24
CA PHE A 58 0.63 32.33 -4.29
C PHE A 58 0.74 32.94 -2.89
N ALA A 59 -0.15 32.59 -1.93
CA ALA A 59 -0.09 33.08 -0.52
C ALA A 59 0.58 32.06 0.41
N ASP A 60 -0.01 30.87 0.56
CA ASP A 60 0.26 29.92 1.69
C ASP A 60 1.24 28.79 1.30
N ALA A 61 1.64 28.62 0.02
CA ALA A 61 2.64 27.60 -0.39
C ALA A 61 3.81 28.26 -1.13
N MET A 62 4.46 29.25 -0.53
CA MET A 62 5.60 30.01 -1.17
C MET A 62 6.90 29.20 -0.99
N ARG A 63 7.73 29.14 -2.02
CA ARG A 63 8.94 28.27 -2.01
C ARG A 63 10.00 28.87 -1.07
N PRO A 64 10.75 28.04 -0.30
CA PRO A 64 11.92 28.56 0.42
C PRO A 64 12.84 29.30 -0.55
N PRO A 65 13.36 30.48 -0.16
CA PRO A 65 14.41 31.15 -0.92
C PRO A 65 15.60 30.27 -1.35
N GLY A 66 16.03 29.33 -0.51
CA GLY A 66 17.15 28.43 -0.82
C GLY A 66 16.88 27.49 -1.99
N ALA A 67 15.60 27.30 -2.36
CA ALA A 67 15.23 26.56 -3.59
C ALA A 67 15.78 27.33 -4.80
N LEU A 68 15.81 28.66 -4.67
CA LEU A 68 16.04 29.60 -5.79
C LEU A 68 17.48 30.09 -5.80
N ASP A 69 18.25 29.81 -4.74
CA ASP A 69 19.61 30.39 -4.52
C ASP A 69 20.40 29.38 -3.69
N HIS A 70 21.36 28.69 -4.32
CA HIS A 70 22.07 27.51 -3.75
C HIS A 70 22.95 27.92 -2.57
N HIS A 71 23.34 29.21 -2.45
CA HIS A 71 24.11 29.70 -1.29
C HIS A 71 23.16 29.80 -0.09
N ILE A 72 21.90 30.16 -0.31
CA ILE A 72 20.91 30.13 0.81
C ILE A 72 20.65 28.66 1.20
N ARG A 73 20.61 27.73 0.22
CA ARG A 73 20.48 26.25 0.47
C ARG A 73 21.58 25.80 1.44
N LEU A 74 22.83 26.22 1.27
CA LEU A 74 23.91 25.67 2.15
C LEU A 74 23.77 26.26 3.55
N LYS A 75 23.27 27.49 3.68
CA LYS A 75 22.99 28.09 4.99
C LYS A 75 21.85 27.32 5.63
N ASP A 76 20.86 26.93 4.82
CA ASP A 76 19.70 26.19 5.35
C ASP A 76 20.15 24.83 5.88
N LEU A 77 21.06 24.12 5.21
CA LEU A 77 21.62 22.85 5.78
C LEU A 77 22.15 23.10 7.20
N ASP A 78 23.03 24.09 7.36
CA ASP A 78 23.63 24.38 8.67
C ASP A 78 22.57 24.77 9.68
N ASP A 79 21.61 25.62 9.29
CA ASP A 79 20.53 26.11 10.17
C ASP A 79 19.66 24.92 10.63
N GLN A 80 19.37 24.01 9.73
CA GLN A 80 18.51 22.81 10.00
C GLN A 80 19.29 21.70 10.69
N GLY A 81 20.63 21.79 10.76
CA GLY A 81 21.45 20.78 11.42
C GLY A 81 21.59 19.53 10.58
N ILE A 82 21.58 19.70 9.26
CA ILE A 82 21.76 18.57 8.32
C ILE A 82 23.18 18.62 7.77
N TRP A 83 23.92 17.52 7.89
CA TRP A 83 25.31 17.43 7.43
C TRP A 83 25.31 16.93 5.98
N GLY A 84 25.10 15.65 5.78
CA GLY A 84 25.05 15.07 4.43
C GLY A 84 23.63 15.08 3.89
N GLU A 85 23.47 15.24 2.59
CA GLU A 85 22.10 15.27 1.97
C GLU A 85 22.17 14.77 0.53
N VAL A 86 21.35 13.73 0.28
CA VAL A 86 21.03 13.22 -1.07
C VAL A 86 20.20 14.27 -1.81
N VAL A 87 20.52 14.46 -3.07
CA VAL A 87 19.87 15.46 -3.94
C VAL A 87 19.38 14.79 -5.20
N PHE A 88 18.08 14.89 -5.35
CA PHE A 88 17.34 14.34 -6.51
C PHE A 88 16.99 15.48 -7.45
N PRO A 89 16.65 15.16 -8.72
CA PRO A 89 16.22 16.18 -9.68
C PRO A 89 14.85 16.78 -9.32
N SER A 90 14.47 17.83 -10.05
CA SER A 90 13.13 18.44 -10.03
C SER A 90 12.56 18.35 -11.45
N ARG A 91 12.85 19.33 -12.31
CA ARG A 91 12.47 19.31 -13.76
C ARG A 91 13.05 18.05 -14.40
N GLY A 92 14.24 17.61 -13.98
CA GLY A 92 14.88 16.42 -14.56
C GLY A 92 14.04 15.15 -14.43
N LEU A 93 13.19 15.07 -13.41
CA LEU A 93 12.31 13.90 -13.13
C LEU A 93 11.42 13.65 -14.35
N TRP A 94 11.13 14.68 -15.14
CA TRP A 94 10.17 14.55 -16.27
C TRP A 94 10.78 13.73 -17.42
N THR A 95 12.09 13.49 -17.40
CA THR A 95 12.71 12.57 -18.39
C THR A 95 12.06 11.19 -18.28
N ALA A 96 11.50 10.83 -17.12
CA ALA A 96 10.93 9.47 -16.88
C ALA A 96 9.59 9.29 -17.64
N VAL A 97 8.93 10.38 -18.06
CA VAL A 97 7.63 10.31 -18.81
C VAL A 97 7.86 10.50 -20.32
N MET A 98 9.12 10.59 -20.76
CA MET A 98 9.48 10.75 -22.19
C MET A 98 9.27 9.44 -22.92
N THR A 99 8.82 9.53 -24.17
CA THR A 99 8.65 8.36 -25.08
C THR A 99 9.81 8.27 -26.08
N ASP A 100 10.56 9.37 -26.29
CA ASP A 100 11.71 9.35 -27.22
C ASP A 100 12.98 8.99 -26.45
N PRO A 101 13.58 7.80 -26.67
CA PRO A 101 14.77 7.37 -25.97
C PRO A 101 15.96 8.28 -26.23
N VAL A 102 16.00 8.95 -27.39
CA VAL A 102 17.11 9.86 -27.78
C VAL A 102 17.01 11.14 -26.95
N LEU A 103 15.82 11.75 -26.91
CA LEU A 103 15.55 12.93 -26.08
C LEU A 103 15.88 12.59 -24.61
N ALA A 104 15.45 11.41 -24.11
CA ALA A 104 15.71 10.99 -22.71
C ALA A 104 17.21 10.90 -22.45
N ARG A 105 17.94 10.18 -23.28
CA ARG A 105 19.38 9.85 -23.07
C ARG A 105 20.18 11.17 -22.99
N GLU A 106 19.94 12.08 -23.93
CA GLU A 106 20.72 13.33 -24.10
C GLU A 106 20.32 14.31 -23.00
N CYS A 107 19.04 14.35 -22.61
CA CYS A 107 18.60 15.23 -21.48
C CYS A 107 19.25 14.75 -20.17
N ILE A 108 19.36 13.44 -20.00
CA ILE A 108 19.99 12.81 -18.81
C ILE A 108 21.47 13.16 -18.75
N LYS A 109 22.22 13.03 -19.86
CA LYS A 109 23.67 13.37 -19.88
C LYS A 109 23.84 14.81 -19.43
N VAL A 110 23.07 15.72 -20.02
CA VAL A 110 23.16 17.18 -19.74
C VAL A 110 22.95 17.39 -18.24
N TYR A 111 21.94 16.76 -17.69
CA TYR A 111 21.60 16.90 -16.24
C TYR A 111 22.76 16.38 -15.40
N ASN A 112 23.26 15.18 -15.68
CA ASN A 112 24.29 14.53 -14.83
C ASN A 112 25.59 15.37 -14.85
N ASP A 113 25.87 16.05 -15.98
CA ASP A 113 27.09 16.91 -16.11
C ASP A 113 26.89 18.20 -15.33
N TRP A 114 25.75 18.84 -15.52
CA TRP A 114 25.45 20.11 -14.84
C TRP A 114 25.50 19.89 -13.33
N LEU A 115 24.79 18.87 -12.84
CA LEU A 115 24.62 18.66 -11.38
C LEU A 115 26.02 18.57 -10.74
N LYS A 116 26.92 17.81 -11.34
CA LYS A 116 28.28 17.60 -10.81
C LYS A 116 29.12 18.89 -10.92
N SER A 117 29.14 19.56 -12.07
CA SER A 117 30.00 20.75 -12.35
C SER A 117 29.61 21.92 -11.47
N ASP A 118 28.32 22.21 -11.41
CA ASP A 118 27.80 23.52 -11.00
C ASP A 118 27.09 23.42 -9.66
N PHE A 119 26.68 22.23 -9.18
CA PHE A 119 25.90 22.16 -7.91
C PHE A 119 26.65 21.37 -6.84
N LEU A 120 27.02 20.14 -7.15
CA LEU A 120 27.69 19.23 -6.21
C LEU A 120 29.07 19.79 -5.82
N SER A 121 29.60 20.64 -6.69
CA SER A 121 30.92 21.32 -6.54
C SER A 121 30.89 22.30 -5.35
N LEU A 122 29.69 22.73 -4.92
CA LEU A 122 29.49 23.70 -3.82
C LEU A 122 29.82 23.06 -2.48
N SER A 123 29.66 21.74 -2.35
CA SER A 123 29.95 21.03 -1.08
C SER A 123 29.88 19.53 -1.24
N PRO A 124 30.91 18.80 -0.75
CA PRO A 124 30.89 17.34 -0.78
C PRO A 124 29.92 16.74 0.26
N ARG A 125 29.28 17.56 1.06
CA ARG A 125 28.11 17.12 1.87
C ARG A 125 26.91 16.77 0.96
N LEU A 126 26.90 17.28 -0.27
CA LEU A 126 25.82 17.02 -1.27
C LEU A 126 26.12 15.68 -1.96
N VAL A 127 25.15 14.75 -1.95
CA VAL A 127 25.30 13.43 -2.59
C VAL A 127 24.28 13.42 -3.74
N GLY A 128 24.76 13.49 -4.98
CA GLY A 128 23.87 13.59 -6.15
C GLY A 128 23.33 12.26 -6.59
N ALA A 129 22.10 12.21 -7.08
CA ALA A 129 21.55 11.06 -7.81
C ALA A 129 21.66 11.34 -9.32
N ALA A 130 22.40 10.50 -10.01
CA ALA A 130 22.49 10.50 -11.49
C ALA A 130 21.23 9.85 -12.07
N MET A 131 20.66 10.47 -13.10
CA MET A 131 19.54 9.88 -13.86
C MET A 131 20.11 8.84 -14.82
N VAL A 132 19.32 7.81 -15.11
CA VAL A 132 19.63 6.84 -16.19
C VAL A 132 18.34 6.62 -16.97
N SER A 133 18.47 6.35 -18.26
CA SER A 133 17.31 6.13 -19.18
C SER A 133 16.38 5.07 -18.58
N MET A 134 15.12 5.42 -18.41
CA MET A 134 14.05 4.45 -18.04
C MET A 134 13.59 3.68 -19.29
N LEU A 135 14.02 4.11 -20.50
CA LEU A 135 13.44 3.63 -21.78
C LEU A 135 14.31 2.56 -22.43
N ASP A 136 15.63 2.55 -22.19
CA ASP A 136 16.58 1.71 -22.96
C ASP A 136 17.72 1.23 -22.05
N THR A 137 17.88 -0.09 -21.93
CA THR A 137 18.80 -0.73 -20.97
C THR A 137 20.24 -0.38 -21.33
N ASP A 138 20.63 -0.49 -22.60
CA ASP A 138 22.01 -0.14 -23.07
C ASP A 138 22.31 1.32 -22.69
N ASP A 139 21.38 2.25 -22.93
CA ASP A 139 21.55 3.69 -22.60
C ASP A 139 21.71 3.81 -21.08
N ALA A 140 20.88 3.09 -20.32
CA ALA A 140 20.87 3.14 -18.84
C ALA A 140 22.20 2.63 -18.30
N VAL A 141 22.65 1.48 -18.80
CA VAL A 141 23.94 0.88 -18.33
C VAL A 141 25.10 1.81 -18.71
N ALA A 142 25.13 2.32 -19.95
CA ALA A 142 26.19 3.26 -20.37
C ALA A 142 26.24 4.42 -19.38
N GLU A 143 25.11 5.07 -19.11
CA GLU A 143 25.13 6.29 -18.26
C GLU A 143 25.45 5.91 -16.80
N LEU A 144 24.97 4.79 -16.26
CA LEU A 144 25.37 4.37 -14.88
C LEU A 144 26.90 4.26 -14.82
N ARG A 145 27.52 3.56 -15.78
CA ARG A 145 28.99 3.31 -15.80
C ARG A 145 29.74 4.65 -15.92
N ARG A 146 29.23 5.59 -16.73
CA ARG A 146 29.84 6.94 -16.91
C ARG A 146 29.69 7.75 -15.63
N ALA A 147 28.51 7.69 -15.02
CA ALA A 147 28.23 8.38 -13.75
C ALA A 147 29.14 7.80 -12.65
N ALA A 148 29.32 6.48 -12.61
CA ALA A 148 30.16 5.83 -11.58
C ALA A 148 31.58 6.40 -11.71
N ASP A 149 32.07 6.55 -12.95
CA ASP A 149 33.44 7.07 -13.23
C ASP A 149 33.53 8.52 -12.79
N LEU A 150 32.44 9.30 -12.87
CA LEU A 150 32.35 10.71 -12.41
C LEU A 150 32.26 10.84 -10.88
N GLY A 151 32.05 9.73 -10.15
CA GLY A 151 32.02 9.67 -8.68
C GLY A 151 30.61 9.58 -8.10
N TYR A 152 29.58 9.38 -8.94
CA TYR A 152 28.17 9.27 -8.44
C TYR A 152 28.09 7.98 -7.62
N GLN A 153 27.30 8.04 -6.55
CA GLN A 153 27.07 6.94 -5.57
C GLN A 153 25.68 6.33 -5.74
N THR A 154 24.79 6.97 -6.48
CA THR A 154 23.42 6.43 -6.61
C THR A 154 22.84 6.90 -7.94
N VAL A 155 21.96 6.09 -8.51
CA VAL A 155 21.16 6.45 -9.70
C VAL A 155 19.69 6.59 -9.31
N PHE A 156 18.99 7.51 -9.94
CA PHE A 156 17.54 7.72 -9.77
C PHE A 156 16.82 6.85 -10.81
N LEU A 157 15.85 6.06 -10.36
CA LEU A 157 14.81 5.42 -11.23
C LEU A 157 13.42 5.94 -10.80
N ALA A 158 12.54 6.20 -11.76
CA ALA A 158 11.16 6.62 -11.50
C ALA A 158 10.37 5.39 -10.98
N ALA A 159 9.41 5.65 -10.12
CA ALA A 159 8.64 4.60 -9.40
C ALA A 159 7.74 3.86 -10.40
N THR A 160 7.21 4.56 -11.40
CA THR A 160 6.42 3.94 -12.51
C THR A 160 7.27 3.88 -13.79
N PRO A 161 7.78 2.69 -14.17
CA PRO A 161 8.55 2.57 -15.39
C PRO A 161 7.63 2.58 -16.60
N PRO A 162 8.18 2.81 -17.81
CA PRO A 162 7.37 2.81 -19.02
C PRO A 162 6.62 1.48 -19.20
N PRO A 163 5.48 1.49 -19.92
CA PRO A 163 4.77 0.24 -20.25
C PRO A 163 5.65 -0.89 -20.81
N GLY A 164 5.53 -2.10 -20.28
CA GLY A 164 6.37 -3.25 -20.69
C GLY A 164 7.76 -3.21 -20.05
N ARG A 165 8.12 -2.15 -19.29
CA ARG A 165 9.43 -2.13 -18.58
C ARG A 165 9.21 -2.22 -17.06
N GLU A 166 8.23 -3.00 -16.61
CA GLU A 166 8.07 -3.26 -15.15
C GLU A 166 9.39 -3.84 -14.61
N PHE A 167 9.65 -3.62 -13.33
CA PHE A 167 10.95 -3.94 -12.68
C PHE A 167 11.10 -5.44 -12.48
N ASN A 168 10.07 -6.24 -12.77
CA ASN A 168 10.17 -7.73 -12.76
C ASN A 168 10.61 -8.25 -14.12
N MET A 169 10.71 -7.40 -15.14
CA MET A 169 11.05 -7.84 -16.50
C MET A 169 12.57 -8.00 -16.67
N ASP A 170 12.98 -8.98 -17.50
CA ASP A 170 14.39 -9.39 -17.79
C ASP A 170 15.19 -8.22 -18.38
N VAL A 171 14.50 -7.25 -18.99
CA VAL A 171 15.11 -6.08 -19.67
C VAL A 171 16.03 -5.31 -18.69
N TRP A 172 15.72 -5.29 -17.39
CA TRP A 172 16.51 -4.56 -16.37
C TRP A 172 17.74 -5.34 -15.95
N GLU A 173 17.83 -6.65 -16.22
CA GLU A 173 18.90 -7.48 -15.59
C GLU A 173 20.26 -6.81 -15.75
N PRO A 174 20.69 -6.36 -16.96
CA PRO A 174 22.04 -5.80 -17.09
C PRO A 174 22.31 -4.53 -16.27
N LEU A 175 21.25 -3.81 -15.91
CA LEU A 175 21.37 -2.59 -15.08
C LEU A 175 21.60 -3.05 -13.65
N TRP A 176 20.87 -4.08 -13.20
CA TRP A 176 21.06 -4.62 -11.84
C TRP A 176 22.50 -5.12 -11.70
N ALA A 177 23.04 -5.80 -12.71
CA ALA A 177 24.42 -6.33 -12.66
C ALA A 177 25.40 -5.16 -12.57
N ALA A 178 25.18 -4.13 -13.38
CA ALA A 178 26.08 -2.96 -13.52
C ALA A 178 26.06 -2.15 -12.22
N ALA A 179 24.86 -1.93 -11.65
CA ALA A 179 24.70 -1.23 -10.37
C ALA A 179 25.42 -2.02 -9.27
N GLU A 180 25.23 -3.33 -9.21
CA GLU A 180 25.91 -4.15 -8.18
C GLU A 180 27.44 -4.01 -8.34
N GLU A 181 27.94 -4.27 -9.55
CA GLU A 181 29.40 -4.19 -9.89
C GLU A 181 29.96 -2.82 -9.48
N ALA A 182 29.32 -1.73 -9.87
CA ALA A 182 29.78 -0.36 -9.53
C ALA A 182 29.52 -0.04 -8.05
N GLY A 183 28.78 -0.88 -7.30
CA GLY A 183 28.32 -0.54 -5.93
C GLY A 183 27.45 0.72 -5.90
N MET A 184 26.68 1.01 -6.95
CA MET A 184 25.71 2.15 -6.96
C MET A 184 24.44 1.74 -6.22
N THR A 185 23.94 2.54 -5.28
CA THR A 185 22.57 2.39 -4.72
C THR A 185 21.57 2.75 -5.82
N VAL A 186 20.50 1.97 -5.98
CA VAL A 186 19.38 2.31 -6.87
C VAL A 186 18.36 3.07 -6.00
N SER A 187 18.11 4.33 -6.33
CA SER A 187 17.14 5.19 -5.59
C SER A 187 15.88 5.36 -6.43
N ILE A 188 14.77 4.79 -5.96
CA ILE A 188 13.47 4.87 -6.63
C ILE A 188 12.69 5.95 -5.88
N HIS A 189 12.45 7.07 -6.52
CA HIS A 189 11.72 8.19 -5.89
C HIS A 189 10.25 8.14 -6.31
N ILE A 190 9.35 8.31 -5.34
CA ILE A 190 7.91 8.23 -5.67
C ILE A 190 7.44 9.48 -6.40
N GLY A 191 6.25 9.38 -6.98
CA GLY A 191 5.57 10.46 -7.69
C GLY A 191 6.21 10.72 -9.03
N THR A 192 6.95 9.77 -9.56
CA THR A 192 7.70 9.90 -10.84
C THR A 192 7.29 8.81 -11.82
N GLY A 193 7.43 9.11 -13.12
CA GLY A 193 7.04 8.20 -14.21
C GLY A 193 5.58 8.47 -14.53
N ALA A 194 5.04 7.84 -15.57
CA ALA A 194 3.66 8.16 -16.03
C ALA A 194 2.70 8.20 -14.81
N ASP A 195 1.78 9.16 -14.77
CA ASP A 195 0.59 9.16 -13.87
C ASP A 195 -0.13 7.81 -13.95
N THR A 196 -0.46 7.21 -12.80
CA THR A 196 -1.16 5.89 -12.71
C THR A 196 -2.62 6.14 -12.31
N VAL A 197 -2.88 7.00 -11.30
CA VAL A 197 -4.24 7.34 -10.77
C VAL A 197 -4.24 8.79 -10.26
N VAL A 198 -5.30 9.57 -10.58
CA VAL A 198 -5.54 10.94 -10.01
C VAL A 198 -6.96 10.99 -9.43
N ALA A 199 -7.09 11.14 -8.11
CA ALA A 199 -8.37 11.40 -7.42
C ALA A 199 -8.89 12.79 -7.84
N ARG A 200 -10.20 12.89 -8.10
CA ARG A 200 -10.87 14.15 -8.56
C ARG A 200 -11.85 14.64 -7.49
N GLY A 201 -12.37 13.76 -6.64
CA GLY A 201 -13.51 14.04 -5.76
C GLY A 201 -13.11 14.58 -4.38
N PRO A 202 -14.06 14.57 -3.42
CA PRO A 202 -13.80 14.99 -2.04
C PRO A 202 -12.59 14.25 -1.48
N GLY A 203 -11.71 14.96 -0.77
CA GLY A 203 -10.48 14.40 -0.17
C GLY A 203 -9.35 14.15 -1.19
N GLY A 204 -9.44 14.74 -2.36
CA GLY A 204 -8.47 14.53 -3.45
C GLY A 204 -7.04 14.75 -3.03
N ALA A 205 -6.74 15.82 -2.28
CA ALA A 205 -5.33 16.15 -1.91
C ALA A 205 -4.74 14.99 -1.08
N VAL A 206 -5.51 14.47 -0.13
CA VAL A 206 -5.08 13.36 0.77
C VAL A 206 -5.05 12.07 -0.03
N ILE A 207 -6.05 11.82 -0.87
CA ILE A 207 -6.10 10.55 -1.66
C ILE A 207 -4.91 10.52 -2.62
N ASN A 208 -4.66 11.62 -3.31
CA ASN A 208 -3.56 11.70 -4.31
C ASN A 208 -2.23 11.43 -3.59
N TYR A 209 -2.07 11.89 -2.36
CA TYR A 209 -0.80 11.70 -1.63
C TYR A 209 -0.62 10.22 -1.28
N VAL A 210 -1.73 9.54 -1.00
CA VAL A 210 -1.71 8.06 -0.76
C VAL A 210 -1.45 7.33 -2.06
N GLU A 211 -2.09 7.72 -3.16
CA GLU A 211 -1.95 6.98 -4.45
C GLU A 211 -0.49 6.87 -4.88
N THR A 212 0.37 7.84 -4.54
CA THR A 212 1.80 7.85 -4.95
C THR A 212 2.53 6.70 -4.27
N LEU A 213 1.99 6.13 -3.19
CA LEU A 213 2.58 4.94 -2.54
C LEU A 213 2.53 3.70 -3.44
N PHE A 214 1.48 3.51 -4.25
CA PHE A 214 1.24 2.16 -4.82
C PHE A 214 2.34 1.81 -5.81
N PRO A 215 2.83 2.73 -6.66
CA PRO A 215 4.00 2.39 -7.48
C PRO A 215 5.22 1.94 -6.68
N ALA A 216 5.43 2.47 -5.49
CA ALA A 216 6.63 2.17 -4.65
C ALA A 216 6.48 0.75 -4.10
N GLN A 217 5.29 0.40 -3.62
CA GLN A 217 5.01 -0.94 -3.08
C GLN A 217 5.12 -1.94 -4.21
N ARG A 218 4.55 -1.61 -5.36
CA ARG A 218 4.62 -2.49 -6.55
C ARG A 218 6.08 -2.66 -6.97
N ALA A 219 6.90 -1.61 -6.93
CA ALA A 219 8.32 -1.73 -7.35
C ALA A 219 9.08 -2.69 -6.42
N VAL A 220 8.87 -2.55 -5.12
CA VAL A 220 9.46 -3.45 -4.10
C VAL A 220 8.99 -4.90 -4.37
N ALA A 221 7.68 -5.14 -4.54
CA ALA A 221 7.10 -6.47 -4.85
C ALA A 221 7.77 -7.05 -6.12
N GLN A 222 7.97 -6.21 -7.13
CA GLN A 222 8.56 -6.63 -8.43
C GLN A 222 10.03 -7.05 -8.26
N LEU A 223 10.85 -6.21 -7.61
CA LEU A 223 12.28 -6.49 -7.39
C LEU A 223 12.47 -7.73 -6.52
N VAL A 224 11.67 -7.91 -5.49
CA VAL A 224 11.85 -9.03 -4.52
C VAL A 224 11.34 -10.33 -5.18
N ALA A 225 10.11 -10.32 -5.70
CA ALA A 225 9.42 -11.54 -6.21
C ALA A 225 10.10 -12.05 -7.49
N SER A 226 10.75 -11.20 -8.28
CA SER A 226 11.37 -11.54 -9.59
C SER A 226 12.76 -12.17 -9.41
N GLY A 227 13.31 -12.14 -8.19
CA GLY A 227 14.69 -12.57 -7.90
C GLY A 227 15.74 -11.55 -8.31
N ALA A 228 15.39 -10.37 -8.77
CA ALA A 228 16.39 -9.32 -9.08
C ALA A 228 17.33 -9.11 -7.88
N LEU A 229 16.81 -8.96 -6.67
CA LEU A 229 17.67 -8.68 -5.49
C LEU A 229 18.33 -9.99 -5.06
N ASP A 230 17.64 -11.12 -5.21
CA ASP A 230 18.19 -12.43 -4.83
C ASP A 230 19.44 -12.67 -5.69
N ARG A 231 19.37 -12.39 -6.98
CA ARG A 231 20.49 -12.68 -7.92
C ARG A 231 21.60 -11.64 -7.74
N HIS A 232 21.36 -10.52 -7.04
CA HIS A 232 22.33 -9.41 -6.90
C HIS A 232 22.47 -9.00 -5.44
N PRO A 233 23.05 -9.89 -4.59
CA PRO A 233 23.14 -9.64 -3.15
C PRO A 233 23.79 -8.29 -2.77
N GLY A 234 24.66 -7.76 -3.61
CA GLY A 234 25.32 -6.47 -3.35
C GLY A 234 24.45 -5.29 -3.75
N LEU A 235 23.32 -5.51 -4.43
CA LEU A 235 22.48 -4.40 -4.93
C LEU A 235 21.60 -3.90 -3.77
N ARG A 236 21.69 -2.62 -3.48
CA ARG A 236 20.82 -1.98 -2.45
C ARG A 236 19.90 -0.99 -3.14
N VAL A 237 18.67 -0.95 -2.68
CA VAL A 237 17.59 -0.08 -3.24
C VAL A 237 17.05 0.80 -2.13
N LEU A 238 16.96 2.08 -2.44
CA LEU A 238 16.38 3.10 -1.55
C LEU A 238 15.08 3.54 -2.18
N ILE A 239 13.98 3.37 -1.47
CA ILE A 239 12.65 3.91 -1.81
C ILE A 239 12.57 5.27 -1.15
N ALA A 240 12.62 6.33 -1.95
CA ALA A 240 12.68 7.70 -1.41
C ALA A 240 11.27 8.28 -1.33
N GLU A 241 10.91 8.82 -0.15
CA GLU A 241 9.74 9.70 0.12
C GLU A 241 8.42 8.90 0.08
N ALA A 242 8.42 7.64 0.47
CA ALA A 242 7.18 6.80 0.53
C ALA A 242 6.83 6.43 1.97
N GLY A 243 7.58 6.90 2.98
CA GLY A 243 7.43 6.38 4.35
C GLY A 243 8.05 4.99 4.46
N CYS A 244 7.84 4.30 5.57
CA CYS A 244 8.64 3.11 5.95
C CYS A 244 7.79 1.95 6.48
N ALA A 245 6.75 2.19 7.23
CA ALA A 245 6.10 1.11 8.04
C ALA A 245 5.39 0.10 7.12
N TRP A 246 5.09 0.48 5.86
CA TRP A 246 4.44 -0.45 4.91
C TRP A 246 5.47 -1.47 4.44
N VAL A 247 6.75 -1.17 4.58
CA VAL A 247 7.81 -2.05 4.03
C VAL A 247 7.80 -3.38 4.78
N PRO A 248 7.87 -3.45 6.15
CA PRO A 248 7.71 -4.74 6.84
C PRO A 248 6.32 -5.37 6.61
N ALA A 249 5.28 -4.57 6.43
CA ALA A 249 3.92 -5.06 6.11
C ALA A 249 3.99 -5.81 4.80
N LEU A 250 4.67 -5.26 3.80
CA LEU A 250 4.84 -5.89 2.48
C LEU A 250 5.71 -7.14 2.57
N ALA A 251 6.77 -7.14 3.38
CA ALA A 251 7.59 -8.36 3.56
C ALA A 251 6.68 -9.52 4.00
N ASP A 252 5.78 -9.29 4.97
CA ASP A 252 4.92 -10.33 5.57
C ASP A 252 3.91 -10.78 4.49
N ARG A 253 3.43 -9.86 3.67
CA ARG A 253 2.41 -10.17 2.62
C ARG A 253 3.09 -11.09 1.61
N MET A 254 4.31 -10.76 1.20
CA MET A 254 5.06 -11.52 0.18
C MET A 254 5.43 -12.89 0.76
N ASP A 255 5.80 -12.97 2.05
CA ASP A 255 6.15 -14.28 2.68
C ASP A 255 4.89 -15.17 2.73
N GLU A 256 3.72 -14.62 3.04
CA GLU A 256 2.44 -15.38 3.11
C GLU A 256 2.13 -15.95 1.70
N ALA A 257 2.29 -15.17 0.64
CA ALA A 257 1.98 -15.64 -0.73
C ALA A 257 3.03 -16.69 -1.13
N TYR A 258 4.30 -16.45 -0.82
CA TYR A 258 5.43 -17.34 -1.13
C TYR A 258 5.18 -18.69 -0.48
N ARG A 259 4.78 -18.74 0.81
CA ARG A 259 4.62 -20.02 1.55
C ARG A 259 3.27 -20.65 1.23
N GLN A 260 2.17 -19.88 1.10
CA GLN A 260 0.81 -20.48 1.05
C GLN A 260 0.38 -20.72 -0.41
N HIS A 261 0.97 -20.01 -1.38
CA HIS A 261 0.58 -20.02 -2.81
C HIS A 261 1.76 -20.58 -3.61
N GLY A 262 2.67 -21.29 -2.95
CA GLY A 262 3.95 -21.74 -3.50
C GLY A 262 3.84 -22.52 -4.81
N MET A 263 2.69 -23.12 -5.10
CA MET A 263 2.47 -23.90 -6.35
C MET A 263 2.26 -22.96 -7.56
N PHE A 264 1.91 -21.68 -7.35
CA PHE A 264 1.86 -20.64 -8.42
C PHE A 264 3.19 -19.87 -8.52
N VAL A 265 4.13 -20.08 -7.58
CA VAL A 265 5.28 -19.15 -7.34
C VAL A 265 6.46 -19.51 -8.24
N ARG A 266 6.83 -18.58 -9.14
CA ARG A 266 8.03 -18.67 -10.03
C ARG A 266 8.59 -17.25 -10.23
N PRO A 267 9.92 -16.99 -10.08
CA PRO A 267 10.90 -18.01 -9.71
C PRO A 267 10.87 -18.33 -8.22
N LYS A 268 11.55 -19.41 -7.83
CA LYS A 268 11.93 -19.68 -6.43
C LYS A 268 13.06 -18.72 -6.05
N LEU A 269 13.11 -18.35 -4.77
CA LEU A 269 14.16 -17.48 -4.20
C LEU A 269 15.00 -18.30 -3.23
N SER A 270 16.29 -17.97 -3.10
CA SER A 270 17.25 -18.60 -2.17
C SER A 270 16.88 -18.27 -0.73
N MET A 271 16.05 -17.24 -0.51
CA MET A 271 15.62 -16.87 0.86
C MET A 271 14.28 -16.17 0.77
N LEU A 272 13.56 -16.02 1.88
CA LEU A 272 12.15 -15.57 1.86
C LEU A 272 12.11 -14.12 1.38
N PRO A 273 11.02 -13.66 0.73
CA PRO A 273 10.89 -12.24 0.38
C PRO A 273 11.24 -11.26 1.52
N GLY A 274 10.78 -11.54 2.73
CA GLY A 274 11.01 -10.68 3.91
C GLY A 274 12.50 -10.56 4.25
N GLU A 275 13.28 -11.63 4.00
CA GLU A 275 14.73 -11.65 4.26
C GLU A 275 15.42 -10.75 3.22
N LEU A 276 14.96 -10.76 1.98
CA LEU A 276 15.57 -9.93 0.90
C LEU A 276 15.24 -8.46 1.18
N VAL A 277 14.03 -8.17 1.63
CA VAL A 277 13.62 -6.80 2.03
C VAL A 277 14.55 -6.31 3.17
N ARG A 278 14.67 -7.08 4.24
CA ARG A 278 15.46 -6.68 5.44
C ARG A 278 16.94 -6.57 5.09
N ARG A 279 17.42 -7.26 4.07
CA ARG A 279 18.83 -7.19 3.65
C ARG A 279 19.08 -5.99 2.71
N GLN A 280 18.20 -5.70 1.74
CA GLN A 280 18.58 -4.85 0.60
C GLN A 280 17.63 -3.66 0.37
N VAL A 281 16.44 -3.59 0.97
CA VAL A 281 15.46 -2.50 0.66
C VAL A 281 15.49 -1.47 1.79
N TYR A 282 15.82 -0.22 1.47
CA TYR A 282 15.85 0.93 2.40
C TYR A 282 14.69 1.86 2.05
N ALA A 283 14.24 2.68 2.98
CA ALA A 283 13.14 3.64 2.71
C ALA A 283 13.33 4.89 3.54
N SER A 284 12.91 6.04 3.00
CA SER A 284 13.06 7.34 3.66
C SER A 284 11.69 7.86 4.09
N PHE A 285 11.69 8.69 5.08
CA PHE A 285 10.51 9.39 5.61
C PHE A 285 10.92 10.76 6.16
N GLN A 286 9.95 11.69 6.34
CA GLN A 286 10.15 13.07 6.84
C GLN A 286 9.54 13.19 8.23
N HIS A 287 8.28 12.79 8.44
CA HIS A 287 7.53 13.12 9.68
C HIS A 287 6.93 11.89 10.38
N ASP A 288 6.97 10.71 9.75
CA ASP A 288 6.17 9.51 10.12
C ASP A 288 6.76 8.84 11.38
N GLU A 289 6.09 8.99 12.51
CA GLU A 289 6.47 8.27 13.75
C GLU A 289 6.49 6.76 13.54
N THR A 290 5.63 6.19 12.68
CA THR A 290 5.61 4.74 12.47
C THR A 290 6.96 4.26 11.95
N ALA A 291 7.77 5.12 11.34
CA ALA A 291 9.07 4.65 10.79
C ALA A 291 9.92 4.11 11.94
N ILE A 292 9.73 4.65 13.13
CA ILE A 292 10.54 4.25 14.33
C ILE A 292 10.05 2.90 14.86
N GLY A 293 8.75 2.67 14.85
CA GLY A 293 8.17 1.38 15.26
C GLY A 293 8.57 0.27 14.32
N ALA A 294 8.74 0.54 13.01
CA ALA A 294 9.21 -0.46 12.04
C ALA A 294 10.58 -0.98 12.49
N VAL A 295 11.44 -0.09 12.97
CA VAL A 295 12.79 -0.47 13.49
C VAL A 295 12.64 -1.20 14.83
N THR A 296 11.88 -0.70 15.78
CA THR A 296 11.95 -1.24 17.15
C THR A 296 11.11 -2.50 17.26
N ALA A 297 10.01 -2.63 16.48
CA ALA A 297 9.02 -3.71 16.70
C ALA A 297 8.89 -4.68 15.53
N MET A 298 9.44 -4.38 14.33
CA MET A 298 9.21 -5.19 13.11
C MET A 298 10.55 -5.61 12.50
N ASN A 299 11.68 -5.45 13.22
CA ASN A 299 13.01 -5.93 12.77
C ASN A 299 13.30 -5.43 11.35
N TYR A 300 12.90 -4.20 11.02
CA TYR A 300 13.15 -3.57 9.71
C TYR A 300 14.13 -2.43 9.98
N THR A 301 15.42 -2.66 9.80
CA THR A 301 16.46 -1.68 10.28
C THR A 301 16.88 -0.68 9.19
N ASN A 302 16.29 -0.73 8.00
CA ASN A 302 16.77 0.04 6.83
C ASN A 302 15.98 1.35 6.66
N VAL A 303 15.56 1.98 7.74
CA VAL A 303 14.86 3.28 7.77
C VAL A 303 15.91 4.41 7.75
N LEU A 304 15.73 5.39 6.85
CA LEU A 304 16.56 6.64 6.76
C LEU A 304 15.62 7.83 6.88
N TRP A 305 15.98 8.81 7.67
CA TRP A 305 15.28 10.11 7.72
C TRP A 305 15.68 10.93 6.49
N GLY A 306 14.75 11.76 6.01
CA GLY A 306 14.99 12.68 4.88
C GLY A 306 14.23 13.95 5.11
N SER A 307 14.78 15.09 4.69
CA SER A 307 14.14 16.40 4.91
C SER A 307 13.08 16.67 3.85
N ASP A 308 13.32 16.18 2.65
CA ASP A 308 12.57 16.47 1.39
C ASP A 308 12.55 17.98 1.15
N TYR A 309 13.63 18.67 1.50
CA TYR A 309 13.83 20.07 1.10
C TYR A 309 13.76 20.20 -0.41
N PRO A 310 13.11 21.21 -0.99
CA PRO A 310 12.32 22.23 -0.31
C PRO A 310 10.81 22.04 -0.48
N HIS A 311 10.35 20.80 -0.51
CA HIS A 311 8.94 20.45 -0.81
C HIS A 311 8.08 20.74 0.42
N LEU A 312 6.81 21.10 0.18
CA LEU A 312 5.82 21.32 1.26
C LEU A 312 5.85 20.14 2.24
N GLU A 313 5.96 18.91 1.75
CA GLU A 313 5.85 17.70 2.60
C GLU A 313 7.15 17.44 3.37
N GLY A 314 8.19 18.22 3.15
CA GLY A 314 9.40 18.14 3.97
C GLY A 314 9.28 18.89 5.28
N THR A 315 10.38 18.95 6.05
CA THR A 315 10.41 19.41 7.46
C THR A 315 10.73 20.90 7.58
N PHE A 316 11.38 21.48 6.58
CA PHE A 316 11.89 22.88 6.63
C PHE A 316 10.77 23.86 6.99
N PRO A 317 10.96 24.85 7.89
CA PRO A 317 12.22 25.11 8.62
C PRO A 317 12.26 24.52 10.02
N ARG A 318 11.46 23.48 10.26
CA ARG A 318 11.30 22.90 11.62
C ARG A 318 11.97 21.52 11.70
N THR A 319 13.04 21.28 10.95
CA THR A 319 13.74 19.98 11.01
C THR A 319 14.02 19.56 12.45
N GLN A 320 14.65 20.44 13.25
CA GLN A 320 15.11 20.05 14.59
C GLN A 320 13.91 19.80 15.51
N GLU A 321 12.88 20.60 15.37
CA GLU A 321 11.65 20.47 16.21
C GLU A 321 10.92 19.15 15.87
N VAL A 322 10.84 18.79 14.59
CA VAL A 322 10.22 17.53 14.12
C VAL A 322 11.02 16.37 14.71
N VAL A 323 12.35 16.35 14.49
CA VAL A 323 13.18 15.20 14.93
C VAL A 323 13.19 15.10 16.47
N THR A 324 13.12 16.21 17.21
CA THR A 324 13.01 16.16 18.69
C THR A 324 11.73 15.42 19.09
N GLU A 325 10.59 15.86 18.54
CA GLU A 325 9.26 15.26 18.83
C GLU A 325 9.33 13.77 18.47
N LEU A 326 9.85 13.43 17.29
CA LEU A 326 9.91 12.02 16.80
C LEU A 326 10.63 11.15 17.83
N PHE A 327 11.79 11.58 18.30
CA PHE A 327 12.70 10.69 19.06
C PHE A 327 12.63 10.94 20.57
N ALA A 328 11.74 11.80 21.06
CA ALA A 328 11.46 11.94 22.52
C ALA A 328 11.29 10.55 23.10
N GLY A 329 12.20 10.11 23.97
CA GLY A 329 12.05 8.87 24.72
C GLY A 329 12.46 7.65 23.91
N VAL A 330 13.11 7.83 22.76
CA VAL A 330 13.52 6.68 21.90
C VAL A 330 15.00 6.36 22.19
N ASP A 331 15.36 5.08 22.14
CA ASP A 331 16.77 4.64 22.30
C ASP A 331 17.65 5.43 21.33
N PRO A 332 18.70 6.10 21.84
CA PRO A 332 19.59 6.90 20.98
C PRO A 332 20.31 6.06 19.92
N GLU A 333 20.50 4.77 20.13
CA GLU A 333 21.08 3.90 19.09
C GLU A 333 20.11 3.85 17.90
N VAL A 334 18.81 3.88 18.18
CA VAL A 334 17.77 3.85 17.12
C VAL A 334 17.75 5.22 16.40
N ARG A 335 17.76 6.33 17.12
CA ARG A 335 17.92 7.67 16.52
C ARG A 335 19.17 7.69 15.64
N ASP A 336 20.29 7.16 16.16
CA ASP A 336 21.59 7.22 15.44
C ASP A 336 21.46 6.42 14.14
N LEU A 337 20.88 5.22 14.19
CA LEU A 337 20.63 4.36 13.01
C LEU A 337 19.82 5.15 11.97
N ILE A 338 18.71 5.70 12.39
CA ILE A 338 17.69 6.26 11.45
C ILE A 338 18.23 7.58 10.89
N THR A 339 18.96 8.38 11.68
CA THR A 339 19.28 9.78 11.30
C THR A 339 20.69 9.91 10.78
N ARG A 340 21.60 8.97 11.06
CA ARG A 340 23.02 9.12 10.66
C ARG A 340 23.53 7.87 9.94
N ARG A 341 23.46 6.69 10.57
CA ARG A 341 24.25 5.48 10.20
C ARG A 341 23.78 4.83 8.91
N ASN A 342 22.48 4.62 8.72
CA ASN A 342 21.98 4.02 7.47
C ASN A 342 22.46 4.89 6.32
N PHE A 343 22.43 6.21 6.48
CA PHE A 343 22.90 7.17 5.46
C PHE A 343 24.37 6.88 5.12
N THR A 344 25.22 6.66 6.12
CA THR A 344 26.68 6.47 5.87
C THR A 344 26.96 5.03 5.41
N ASP A 345 26.05 4.08 5.64
CA ASP A 345 26.16 2.74 4.99
C ASP A 345 25.97 2.87 3.49
N LEU A 346 25.02 3.68 3.04
CA LEU A 346 24.66 3.81 1.60
C LEU A 346 25.61 4.83 0.96
N PHE A 347 25.93 5.95 1.64
CA PHE A 347 26.50 7.16 0.99
C PHE A 347 27.79 7.55 1.72
N THR A 348 28.72 8.18 1.01
CA THR A 348 30.00 8.69 1.61
C THR A 348 29.97 10.20 1.50
N VAL A 349 30.02 10.87 2.64
CA VAL A 349 30.27 12.33 2.73
C VAL A 349 31.50 12.51 3.60
N PRO A 350 32.12 13.70 3.67
CA PRO A 350 33.26 13.89 4.58
C PRO A 350 32.89 13.67 6.06
N ALA A 351 33.91 13.37 6.87
CA ALA A 351 33.77 13.05 8.29
C ALA A 351 33.02 14.19 8.94
N LEU A 352 31.96 13.86 9.67
CA LEU A 352 31.26 14.86 10.49
C LEU A 352 32.13 15.10 11.72
N PRO A 353 32.68 16.31 11.91
CA PRO A 353 33.45 16.57 13.13
C PRO A 353 32.57 16.34 14.37
N ALA A 354 33.20 15.86 15.44
CA ALA A 354 32.57 15.61 16.74
C ALA A 354 32.51 16.90 17.55
N THR A 355 31.53 17.00 18.45
CA THR A 355 31.26 18.20 19.26
C THR A 355 31.70 18.05 20.71
N VAL A 356 32.15 16.87 21.14
CA VAL A 356 33.01 16.74 22.35
C VAL A 356 33.33 15.24 22.47
N MET B 1 -6.76 -25.19 29.67
CA MET B 1 -6.71 -24.59 28.31
C MET B 1 -5.61 -25.25 27.48
N GLU B 2 -5.81 -26.50 27.05
CA GLU B 2 -4.91 -27.23 26.09
C GLU B 2 -4.75 -26.39 24.79
N LYS B 3 -5.82 -25.69 24.35
CA LYS B 3 -5.82 -24.81 23.15
C LYS B 3 -5.87 -23.34 23.58
N LEU B 4 -5.41 -22.48 22.69
CA LEU B 4 -5.65 -21.02 22.71
C LEU B 4 -6.96 -20.76 21.96
N TRP B 5 -8.02 -20.32 22.67
CA TRP B 5 -9.34 -20.10 22.00
C TRP B 5 -9.33 -18.74 21.32
N LEU B 6 -9.72 -18.71 20.05
CA LEU B 6 -9.57 -17.53 19.14
C LEU B 6 -10.95 -17.17 18.61
N ASN B 7 -11.17 -15.93 18.25
CA ASN B 7 -12.27 -15.57 17.32
C ASN B 7 -11.65 -15.27 15.94
N SER B 8 -12.34 -15.62 14.84
CA SER B 8 -11.85 -15.44 13.45
C SER B 8 -12.66 -14.32 12.81
N ALA B 9 -11.98 -13.23 12.44
CA ALA B 9 -12.60 -12.08 11.78
C ALA B 9 -12.77 -12.35 10.26
N ASP B 10 -12.33 -13.48 9.77
CA ASP B 10 -12.35 -13.80 8.30
C ASP B 10 -12.44 -15.29 8.05
N SER B 11 -13.45 -15.68 7.25
CA SER B 11 -13.59 -17.03 6.68
C SER B 11 -14.65 -16.92 5.57
N HIS B 12 -14.79 -18.00 4.81
CA HIS B 12 -15.65 -18.07 3.60
C HIS B 12 -16.54 -19.31 3.66
N VAL B 13 -17.77 -19.16 3.14
CA VAL B 13 -18.77 -20.26 2.92
C VAL B 13 -18.92 -20.48 1.42
N LEU B 14 -18.81 -21.73 0.97
CA LEU B 14 -19.07 -22.11 -0.43
C LEU B 14 -20.56 -22.36 -0.57
N GLU B 15 -21.20 -21.58 -1.45
CA GLU B 15 -22.65 -21.58 -1.69
C GLU B 15 -23.04 -22.92 -2.34
N PRO B 16 -24.29 -23.40 -2.16
CA PRO B 16 -24.79 -24.53 -2.95
C PRO B 16 -24.71 -24.20 -4.45
N ASP B 17 -24.20 -25.12 -5.25
CA ASP B 17 -24.06 -24.95 -6.73
C ASP B 17 -25.36 -24.42 -7.36
N ASP B 18 -26.51 -24.83 -6.81
CA ASP B 18 -27.84 -24.52 -7.36
C ASP B 18 -28.52 -23.42 -6.57
N LEU B 19 -27.80 -22.66 -5.73
CA LEU B 19 -28.40 -21.56 -4.91
C LEU B 19 -29.27 -20.62 -5.75
N TRP B 20 -28.75 -20.18 -6.89
CA TRP B 20 -29.43 -19.13 -7.69
C TRP B 20 -30.41 -19.79 -8.69
N GLU B 21 -30.02 -20.95 -9.22
CA GLU B 21 -30.84 -21.79 -10.15
C GLU B 21 -32.27 -21.89 -9.62
N ARG B 22 -32.43 -22.14 -8.31
CA ARG B 22 -33.71 -22.53 -7.68
C ARG B 22 -34.47 -21.27 -7.21
N ALA B 23 -33.79 -20.19 -6.84
CA ALA B 23 -34.42 -19.10 -6.07
C ALA B 23 -34.73 -17.89 -6.96
N LEU B 24 -34.03 -17.69 -8.07
CA LEU B 24 -34.17 -16.46 -8.86
C LEU B 24 -35.44 -16.52 -9.71
N PRO B 25 -36.01 -15.37 -10.11
CA PRO B 25 -36.97 -15.35 -11.21
C PRO B 25 -36.39 -15.97 -12.47
N ALA B 26 -37.20 -16.70 -13.24
CA ALA B 26 -36.75 -17.48 -14.44
C ALA B 26 -35.91 -16.60 -15.38
N ALA B 27 -36.32 -15.36 -15.63
CA ALA B 27 -35.64 -14.39 -16.52
C ALA B 27 -34.19 -14.13 -16.12
N LEU B 28 -33.85 -14.31 -14.83
CA LEU B 28 -32.50 -13.93 -14.31
C LEU B 28 -31.62 -15.17 -14.17
N ARG B 29 -32.22 -16.36 -14.14
CA ARG B 29 -31.59 -17.60 -13.64
C ARG B 29 -30.26 -17.87 -14.34
N ASP B 30 -30.23 -17.80 -15.65
CA ASP B 30 -29.04 -18.19 -16.46
C ASP B 30 -27.90 -17.18 -16.29
N ARG B 31 -28.17 -15.99 -15.74
CA ARG B 31 -27.23 -14.86 -15.75
C ARG B 31 -26.46 -14.88 -14.43
N ALA B 32 -26.97 -15.61 -13.42
CA ALA B 32 -26.35 -15.71 -12.08
C ALA B 32 -25.02 -16.45 -12.20
N PRO B 33 -24.10 -16.32 -11.23
CA PRO B 33 -22.82 -17.02 -11.33
C PRO B 33 -23.07 -18.53 -11.52
N ARG B 34 -22.37 -19.15 -12.47
CA ARG B 34 -22.42 -20.61 -12.62
C ARG B 34 -21.05 -21.11 -13.07
N CYS B 35 -20.78 -22.38 -12.84
CA CYS B 35 -19.45 -22.91 -13.21
CA CYS B 35 -19.45 -22.99 -13.10
C CYS B 35 -19.60 -24.16 -14.07
N VAL B 36 -18.59 -24.34 -14.91
CA VAL B 36 -18.36 -25.56 -15.71
C VAL B 36 -17.03 -26.14 -15.21
N ARG B 37 -17.04 -27.43 -14.96
CA ARG B 37 -15.88 -28.21 -14.51
C ARG B 37 -15.59 -29.14 -15.67
N ASP B 38 -14.49 -28.85 -16.36
CA ASP B 38 -14.07 -29.69 -17.51
C ASP B 38 -12.60 -29.43 -17.83
N ASN B 39 -12.00 -30.40 -18.54
CA ASN B 39 -10.55 -30.67 -18.47
C ASN B 39 -10.23 -30.79 -16.98
N GLY B 40 -9.43 -29.90 -16.45
CA GLY B 40 -9.05 -29.91 -15.03
C GLY B 40 -9.19 -28.51 -14.55
N ARG B 41 -10.18 -27.82 -15.13
CA ARG B 41 -10.39 -26.38 -14.89
C ARG B 41 -11.85 -26.17 -14.52
N GLU B 42 -12.02 -25.29 -13.56
CA GLU B 42 -13.32 -24.72 -13.25
C GLU B 42 -13.36 -23.35 -13.91
N THR B 43 -14.38 -23.11 -14.74
CA THR B 43 -14.64 -21.76 -15.35
C THR B 43 -15.90 -21.15 -14.74
N VAL B 44 -15.85 -19.90 -14.26
CA VAL B 44 -17.00 -19.21 -13.62
C VAL B 44 -17.54 -18.19 -14.62
N TYR B 45 -18.82 -18.33 -14.95
CA TYR B 45 -19.58 -17.42 -15.84
C TYR B 45 -20.48 -16.52 -15.01
N VAL B 46 -20.46 -15.22 -15.31
CA VAL B 46 -21.43 -14.25 -14.75
C VAL B 46 -21.98 -13.37 -15.86
N ASP B 47 -23.29 -13.41 -16.06
CA ASP B 47 -24.06 -12.52 -16.95
C ASP B 47 -23.39 -12.37 -18.32
N GLY B 48 -22.98 -13.45 -18.92
CA GLY B 48 -22.43 -13.47 -20.30
C GLY B 48 -20.93 -13.18 -20.36
N GLN B 49 -20.21 -13.36 -19.24
CA GLN B 49 -18.75 -13.07 -19.13
C GLN B 49 -18.03 -14.19 -18.36
N VAL B 50 -16.88 -14.69 -18.84
CA VAL B 50 -15.96 -15.58 -18.05
C VAL B 50 -15.24 -14.69 -17.04
N VAL B 51 -15.41 -14.90 -15.75
CA VAL B 51 -14.88 -13.94 -14.73
C VAL B 51 -13.62 -14.52 -14.11
N ARG B 52 -13.40 -15.83 -14.26
CA ARG B 52 -12.40 -16.57 -13.46
C ARG B 52 -12.29 -17.97 -14.04
N ARG B 53 -11.05 -18.40 -14.16
CA ARG B 53 -10.65 -19.77 -14.56
C ARG B 53 -9.55 -20.21 -13.57
N ASP B 54 -9.67 -21.42 -13.02
CA ASP B 54 -8.76 -21.91 -11.96
C ASP B 54 -8.51 -23.38 -12.29
N PRO B 55 -7.30 -23.93 -12.05
CA PRO B 55 -7.12 -25.37 -12.19
C PRO B 55 -7.89 -26.00 -11.02
N LEU B 56 -8.49 -27.17 -11.21
CA LEU B 56 -9.31 -27.84 -10.15
C LEU B 56 -8.52 -28.10 -8.85
N ASP B 57 -7.20 -28.29 -8.94
CA ASP B 57 -6.34 -28.53 -7.74
C ASP B 57 -6.44 -27.32 -6.81
N PHE B 58 -6.51 -26.10 -7.36
CA PHE B 58 -6.52 -24.88 -6.52
C PHE B 58 -7.96 -24.65 -6.06
N ALA B 59 -8.89 -24.71 -7.03
CA ALA B 59 -10.34 -24.60 -6.79
C ALA B 59 -10.69 -25.53 -5.64
N ASP B 60 -10.34 -26.81 -5.72
CA ASP B 60 -10.77 -27.84 -4.72
C ASP B 60 -9.88 -27.83 -3.44
N ALA B 61 -8.66 -27.27 -3.48
CA ALA B 61 -7.85 -27.08 -2.25
C ALA B 61 -8.58 -26.15 -1.28
N MET B 62 -9.33 -25.19 -1.79
CA MET B 62 -10.14 -24.27 -0.95
C MET B 62 -11.45 -24.92 -0.52
N ARG B 63 -11.66 -26.22 -0.80
CA ARG B 63 -12.96 -26.85 -0.51
C ARG B 63 -12.75 -28.14 0.27
N PRO B 64 -12.15 -28.07 1.47
CA PRO B 64 -12.21 -29.19 2.39
C PRO B 64 -13.69 -29.38 2.75
N PRO B 65 -14.04 -30.52 3.34
CA PRO B 65 -15.44 -30.89 3.56
C PRO B 65 -16.18 -29.83 4.42
N GLY B 66 -15.50 -29.17 5.36
CA GLY B 66 -16.14 -28.11 6.17
C GLY B 66 -16.50 -26.87 5.38
N ALA B 67 -16.03 -26.69 4.15
CA ALA B 67 -16.22 -25.48 3.32
C ALA B 67 -17.61 -25.46 2.74
N LEU B 68 -18.08 -26.69 2.54
CA LEU B 68 -19.39 -27.17 2.05
C LEU B 68 -20.32 -27.54 3.22
N ASP B 69 -20.05 -28.60 4.02
CA ASP B 69 -20.93 -29.14 5.10
C ASP B 69 -20.78 -28.27 6.37
N HIS B 70 -21.80 -27.49 6.74
CA HIS B 70 -21.75 -26.57 7.89
CA HIS B 70 -21.72 -26.57 7.92
C HIS B 70 -21.61 -27.36 9.21
N HIS B 71 -22.09 -28.60 9.27
CA HIS B 71 -21.91 -29.46 10.47
C HIS B 71 -20.42 -29.78 10.68
N ILE B 72 -19.73 -30.13 9.62
CA ILE B 72 -18.28 -30.41 9.66
C ILE B 72 -17.54 -29.09 9.92
N ARG B 73 -18.05 -27.99 9.40
CA ARG B 73 -17.42 -26.65 9.63
C ARG B 73 -17.34 -26.42 11.15
N LEU B 74 -18.44 -26.61 11.89
CA LEU B 74 -18.45 -26.42 13.38
C LEU B 74 -17.45 -27.37 14.05
N LYS B 75 -17.32 -28.60 13.56
CA LYS B 75 -16.34 -29.54 14.14
C LYS B 75 -14.90 -29.03 13.92
N ASP B 76 -14.62 -28.53 12.72
CA ASP B 76 -13.30 -27.93 12.32
C ASP B 76 -12.99 -26.70 13.17
N LEU B 77 -13.99 -25.88 13.50
CA LEU B 77 -13.81 -24.72 14.40
C LEU B 77 -13.30 -25.24 15.77
N ASP B 78 -14.00 -26.23 16.35
CA ASP B 78 -13.57 -26.88 17.60
C ASP B 78 -12.16 -27.44 17.42
N ASP B 79 -11.89 -28.17 16.34
CA ASP B 79 -10.58 -28.81 16.16
C ASP B 79 -9.47 -27.74 16.12
N GLN B 80 -9.77 -26.54 15.61
CA GLN B 80 -8.75 -25.49 15.33
C GLN B 80 -8.63 -24.57 16.55
N GLY B 81 -9.57 -24.70 17.48
CA GLY B 81 -9.70 -23.88 18.69
C GLY B 81 -10.22 -22.53 18.37
N ILE B 82 -11.15 -22.42 17.43
CA ILE B 82 -11.79 -21.14 17.04
C ILE B 82 -13.24 -21.17 17.54
N TRP B 83 -13.67 -20.10 18.20
CA TRP B 83 -15.00 -19.95 18.82
C TRP B 83 -15.97 -19.24 17.89
N GLY B 84 -15.90 -17.92 17.82
CA GLY B 84 -16.68 -17.06 16.90
C GLY B 84 -15.98 -16.97 15.54
N GLU B 85 -16.75 -16.79 14.47
CA GLU B 85 -16.20 -16.70 13.10
C GLU B 85 -17.13 -15.81 12.24
N VAL B 86 -16.57 -14.79 11.58
CA VAL B 86 -17.28 -14.01 10.52
C VAL B 86 -17.18 -14.85 9.26
N VAL B 87 -18.28 -14.90 8.50
CA VAL B 87 -18.32 -15.71 7.28
C VAL B 87 -18.66 -14.79 6.10
N PHE B 88 -17.78 -14.82 5.12
CA PHE B 88 -17.88 -14.02 3.88
C PHE B 88 -18.32 -14.96 2.76
N PRO B 89 -18.83 -14.40 1.65
CA PRO B 89 -19.17 -15.17 0.47
C PRO B 89 -17.97 -15.77 -0.27
N SER B 90 -18.25 -16.67 -1.19
CA SER B 90 -17.29 -17.13 -2.23
C SER B 90 -17.86 -16.79 -3.60
N ARG B 91 -18.78 -17.63 -4.11
CA ARG B 91 -19.41 -17.34 -5.41
C ARG B 91 -20.17 -16.01 -5.32
N GLY B 92 -20.78 -15.66 -4.20
CA GLY B 92 -21.54 -14.40 -4.05
C GLY B 92 -20.70 -13.15 -4.33
N LEU B 93 -19.40 -13.24 -4.12
CA LEU B 93 -18.46 -12.10 -4.31
C LEU B 93 -18.57 -11.61 -5.75
N TRP B 94 -18.93 -12.49 -6.70
CA TRP B 94 -19.07 -12.12 -8.13
C TRP B 94 -20.21 -11.13 -8.36
N THR B 95 -21.10 -10.92 -7.39
CA THR B 95 -22.11 -9.85 -7.52
C THR B 95 -21.38 -8.51 -7.62
N ALA B 96 -20.14 -8.40 -7.10
CA ALA B 96 -19.43 -7.09 -7.08
C ALA B 96 -18.89 -6.74 -8.47
N VAL B 97 -18.78 -7.68 -9.38
CA VAL B 97 -18.37 -7.39 -10.79
C VAL B 97 -19.59 -7.36 -11.72
N MET B 98 -20.82 -7.50 -11.24
CA MET B 98 -21.99 -7.39 -12.15
C MET B 98 -22.15 -5.92 -12.58
N THR B 99 -22.67 -5.70 -13.80
CA THR B 99 -22.96 -4.36 -14.37
C THR B 99 -24.47 -4.10 -14.36
N ASP B 100 -25.31 -5.11 -14.14
CA ASP B 100 -26.77 -4.94 -14.08
C ASP B 100 -27.23 -4.79 -12.64
N PRO B 101 -27.76 -3.62 -12.21
CA PRO B 101 -28.22 -3.46 -10.84
C PRO B 101 -29.33 -4.43 -10.43
N VAL B 102 -30.23 -4.75 -11.38
CA VAL B 102 -31.37 -5.67 -11.06
C VAL B 102 -30.81 -7.05 -10.76
N LEU B 103 -29.97 -7.57 -11.62
CA LEU B 103 -29.36 -8.89 -11.40
C LEU B 103 -28.56 -8.90 -10.08
N ALA B 104 -27.76 -7.86 -9.80
CA ALA B 104 -26.98 -7.80 -8.54
C ALA B 104 -27.94 -7.76 -7.33
N ARG B 105 -28.97 -6.91 -7.37
CA ARG B 105 -29.95 -6.78 -6.27
C ARG B 105 -30.58 -8.16 -5.99
N GLU B 106 -31.04 -8.87 -7.02
CA GLU B 106 -31.84 -10.12 -6.83
C GLU B 106 -30.91 -11.27 -6.39
N CYS B 107 -29.70 -11.37 -6.94
CA CYS B 107 -28.71 -12.39 -6.55
C CYS B 107 -28.29 -12.17 -5.09
N ILE B 108 -28.19 -10.91 -4.67
CA ILE B 108 -27.76 -10.54 -3.28
C ILE B 108 -28.85 -10.99 -2.29
N LYS B 109 -30.11 -10.66 -2.59
CA LYS B 109 -31.30 -11.03 -1.80
C LYS B 109 -31.32 -12.54 -1.60
N VAL B 110 -30.99 -13.31 -2.64
CA VAL B 110 -31.06 -14.81 -2.61
C VAL B 110 -29.96 -15.30 -1.66
N TYR B 111 -28.76 -14.73 -1.82
CA TYR B 111 -27.57 -15.06 -0.98
C TYR B 111 -27.89 -14.79 0.50
N ASN B 112 -28.42 -13.61 0.85
CA ASN B 112 -28.60 -13.14 2.24
C ASN B 112 -29.69 -14.00 2.91
N ASP B 113 -30.72 -14.36 2.13
CA ASP B 113 -31.82 -15.24 2.60
C ASP B 113 -31.26 -16.62 2.93
N TRP B 114 -30.50 -17.25 2.04
CA TRP B 114 -29.95 -18.60 2.21
C TRP B 114 -29.02 -18.59 3.40
N LEU B 115 -28.13 -17.59 3.41
CA LEU B 115 -27.07 -17.58 4.45
C LEU B 115 -27.70 -17.55 5.83
N LYS B 116 -28.65 -16.66 6.10
CA LYS B 116 -29.28 -16.57 7.43
C LYS B 116 -30.05 -17.86 7.71
N SER B 117 -30.83 -18.35 6.74
CA SER B 117 -31.85 -19.39 7.01
C SER B 117 -31.18 -20.77 7.11
N ASP B 118 -30.19 -21.07 6.28
CA ASP B 118 -29.65 -22.42 6.11
C ASP B 118 -28.25 -22.58 6.74
N PHE B 119 -27.53 -21.49 7.02
CA PHE B 119 -26.12 -21.56 7.52
C PHE B 119 -26.04 -20.93 8.92
N LEU B 120 -26.23 -19.61 9.02
CA LEU B 120 -26.14 -18.89 10.31
C LEU B 120 -27.04 -19.56 11.37
N SER B 121 -28.12 -20.22 10.97
CA SER B 121 -29.13 -20.83 11.90
C SER B 121 -28.53 -22.00 12.66
N LEU B 122 -27.44 -22.63 12.21
CA LEU B 122 -26.90 -23.81 12.92
C LEU B 122 -26.19 -23.44 14.23
N SER B 123 -25.61 -22.25 14.35
CA SER B 123 -24.83 -21.88 15.57
C SER B 123 -24.73 -20.37 15.69
N PRO B 124 -24.83 -19.85 16.94
CA PRO B 124 -24.61 -18.43 17.18
C PRO B 124 -23.07 -18.14 17.17
N ARG B 125 -22.21 -19.13 17.03
CA ARG B 125 -20.74 -18.93 16.78
C ARG B 125 -20.49 -18.29 15.39
N LEU B 126 -21.45 -18.38 14.46
CA LEU B 126 -21.38 -17.85 13.06
C LEU B 126 -21.99 -16.45 12.94
N VAL B 127 -21.19 -15.51 12.44
CA VAL B 127 -21.60 -14.10 12.22
C VAL B 127 -21.52 -13.88 10.70
N GLY B 128 -22.64 -13.78 10.02
CA GLY B 128 -22.59 -13.62 8.56
C GLY B 128 -22.43 -12.16 8.16
N ALA B 129 -21.76 -11.93 7.05
CA ALA B 129 -21.77 -10.65 6.35
C ALA B 129 -22.88 -10.68 5.28
N ALA B 130 -23.85 -9.79 5.37
CA ALA B 130 -24.87 -9.59 4.31
C ALA B 130 -24.23 -8.85 3.13
N MET B 131 -24.49 -9.26 1.92
CA MET B 131 -24.08 -8.44 0.75
C MET B 131 -25.09 -7.32 0.55
N VAL B 132 -24.61 -6.20 0.01
CA VAL B 132 -25.45 -5.06 -0.44
C VAL B 132 -24.98 -4.63 -1.83
N SER B 133 -25.90 -4.16 -2.67
CA SER B 133 -25.58 -3.72 -4.04
C SER B 133 -24.36 -2.79 -4.01
N MET B 134 -23.41 -3.04 -4.88
CA MET B 134 -22.28 -2.10 -5.11
C MET B 134 -22.73 -1.06 -6.15
N LEU B 135 -23.88 -1.26 -6.83
CA LEU B 135 -24.22 -0.53 -8.08
C LEU B 135 -25.19 0.61 -7.83
N ASP B 136 -26.01 0.50 -6.82
CA ASP B 136 -27.17 1.41 -6.59
C ASP B 136 -27.36 1.63 -5.09
N THR B 137 -27.27 2.87 -4.64
CA THR B 137 -27.34 3.22 -3.22
C THR B 137 -28.72 2.86 -2.64
N ASP B 138 -29.84 3.15 -3.32
CA ASP B 138 -31.18 2.85 -2.75
C ASP B 138 -31.28 1.33 -2.53
N ASP B 139 -30.83 0.51 -3.50
CA ASP B 139 -30.84 -0.98 -3.39
C ASP B 139 -29.98 -1.42 -2.19
N ALA B 140 -28.84 -0.77 -1.99
CA ALA B 140 -27.87 -1.14 -0.95
C ALA B 140 -28.47 -0.81 0.41
N VAL B 141 -29.09 0.36 0.53
CA VAL B 141 -29.72 0.84 1.80
C VAL B 141 -30.90 -0.05 2.16
N ALA B 142 -31.82 -0.27 1.21
CA ALA B 142 -32.99 -1.14 1.45
C ALA B 142 -32.50 -2.51 1.92
N GLU B 143 -31.51 -3.12 1.26
CA GLU B 143 -31.07 -4.46 1.69
C GLU B 143 -30.34 -4.39 3.05
N LEU B 144 -29.54 -3.38 3.34
CA LEU B 144 -28.85 -3.29 4.68
C LEU B 144 -29.90 -3.28 5.81
N ARG B 145 -30.92 -2.44 5.66
CA ARG B 145 -32.10 -2.32 6.56
C ARG B 145 -32.83 -3.66 6.70
N ARG B 146 -33.15 -4.31 5.58
CA ARG B 146 -33.82 -5.64 5.60
C ARG B 146 -32.93 -6.65 6.32
N ALA B 147 -31.61 -6.62 6.06
CA ALA B 147 -30.60 -7.56 6.63
C ALA B 147 -30.46 -7.33 8.14
N ALA B 148 -30.44 -6.07 8.57
CA ALA B 148 -30.44 -5.63 9.98
C ALA B 148 -31.66 -6.26 10.68
N ASP B 149 -32.86 -6.06 10.12
CA ASP B 149 -34.15 -6.60 10.64
C ASP B 149 -34.04 -8.12 10.82
N LEU B 150 -33.33 -8.83 9.93
CA LEU B 150 -33.02 -10.28 10.04
C LEU B 150 -31.96 -10.56 11.09
N GLY B 151 -31.30 -9.54 11.63
CA GLY B 151 -30.30 -9.64 12.72
C GLY B 151 -28.86 -9.65 12.20
N TYR B 152 -28.63 -9.26 10.94
CA TYR B 152 -27.24 -9.24 10.44
C TYR B 152 -26.49 -8.11 11.18
N GLN B 153 -25.22 -8.36 11.43
CA GLN B 153 -24.34 -7.45 12.22
C GLN B 153 -23.33 -6.69 11.33
N THR B 154 -23.05 -7.16 10.12
CA THR B 154 -22.06 -6.52 9.21
C THR B 154 -22.59 -6.66 7.78
N VAL B 155 -22.16 -5.78 6.89
CA VAL B 155 -22.43 -5.90 5.42
C VAL B 155 -21.07 -6.00 4.75
N PHE B 156 -21.01 -6.73 3.64
CA PHE B 156 -19.79 -6.88 2.80
C PHE B 156 -19.88 -5.82 1.70
N LEU B 157 -18.81 -5.03 1.55
CA LEU B 157 -18.58 -4.21 0.34
C LEU B 157 -17.33 -4.75 -0.34
N ALA B 158 -17.33 -4.73 -1.66
CA ALA B 158 -16.13 -5.06 -2.46
C ALA B 158 -15.05 -3.96 -2.28
N ALA B 159 -13.78 -4.33 -2.36
CA ALA B 159 -12.66 -3.36 -2.17
C ALA B 159 -12.56 -2.43 -3.37
N THR B 160 -12.81 -2.92 -4.60
CA THR B 160 -12.85 -2.06 -5.82
C THR B 160 -14.31 -1.84 -6.21
N PRO B 161 -14.85 -0.65 -5.96
CA PRO B 161 -16.23 -0.37 -6.31
C PRO B 161 -16.31 -0.08 -7.80
N PRO B 162 -17.54 -0.10 -8.36
CA PRO B 162 -17.72 0.15 -9.79
C PRO B 162 -17.21 1.54 -10.19
N PRO B 163 -16.76 1.70 -11.45
CA PRO B 163 -16.28 3.00 -11.98
C PRO B 163 -17.28 4.15 -11.73
N GLY B 164 -16.81 5.25 -11.15
CA GLY B 164 -17.67 6.38 -10.76
C GLY B 164 -18.28 6.23 -9.39
N ARG B 165 -18.16 5.08 -8.74
CA ARG B 165 -18.74 4.84 -7.40
C ARG B 165 -17.59 4.64 -6.39
N GLU B 166 -16.52 5.41 -6.51
CA GLU B 166 -15.42 5.38 -5.52
C GLU B 166 -16.00 5.74 -4.14
N PHE B 167 -15.34 5.31 -3.08
CA PHE B 167 -15.89 5.42 -1.72
C PHE B 167 -15.85 6.85 -1.16
N ASN B 168 -15.16 7.79 -1.83
CA ASN B 168 -15.18 9.22 -1.43
C ASN B 168 -16.38 9.93 -2.04
N MET B 169 -17.18 9.27 -2.90
CA MET B 169 -18.27 9.97 -3.63
C MET B 169 -19.51 10.12 -2.74
N ASP B 170 -20.29 11.17 -3.00
CA ASP B 170 -21.52 11.52 -2.22
C ASP B 170 -22.54 10.38 -2.34
N VAL B 171 -22.49 9.59 -3.41
CA VAL B 171 -23.50 8.51 -3.66
C VAL B 171 -23.54 7.56 -2.46
N TRP B 172 -22.48 7.43 -1.66
CA TRP B 172 -22.44 6.42 -0.58
C TRP B 172 -23.01 6.97 0.74
N GLU B 173 -23.23 8.27 0.85
CA GLU B 173 -23.63 8.92 2.12
C GLU B 173 -24.84 8.22 2.71
N PRO B 174 -25.94 7.97 1.96
CA PRO B 174 -27.11 7.32 2.57
C PRO B 174 -26.78 5.94 3.17
N LEU B 175 -25.84 5.20 2.57
CA LEU B 175 -25.45 3.88 3.12
C LEU B 175 -24.65 4.04 4.42
N TRP B 176 -23.74 5.01 4.50
CA TRP B 176 -22.94 5.25 5.73
C TRP B 176 -23.90 5.56 6.85
N ALA B 177 -24.89 6.43 6.58
CA ALA B 177 -25.93 6.85 7.55
C ALA B 177 -26.75 5.63 7.99
N ALA B 178 -27.19 4.80 7.06
CA ALA B 178 -27.98 3.58 7.39
C ALA B 178 -27.12 2.60 8.20
N ALA B 179 -25.84 2.42 7.85
CA ALA B 179 -24.97 1.46 8.56
C ALA B 179 -24.75 1.95 10.00
N GLU B 180 -24.54 3.25 10.16
CA GLU B 180 -24.32 3.87 11.50
C GLU B 180 -25.59 3.72 12.35
N GLU B 181 -26.72 4.19 11.85
CA GLU B 181 -28.07 4.02 12.49
C GLU B 181 -28.29 2.55 12.91
N ALA B 182 -27.90 1.54 12.14
CA ALA B 182 -28.22 0.12 12.44
C ALA B 182 -27.15 -0.51 13.31
N GLY B 183 -26.02 0.16 13.58
CA GLY B 183 -24.89 -0.45 14.30
C GLY B 183 -24.22 -1.55 13.50
N MET B 184 -24.30 -1.45 12.19
CA MET B 184 -23.75 -2.47 11.27
C MET B 184 -22.30 -2.09 10.97
N THR B 185 -21.39 -3.02 11.18
CA THR B 185 -19.99 -2.90 10.73
C THR B 185 -19.97 -2.99 9.19
N VAL B 186 -19.27 -2.08 8.53
CA VAL B 186 -18.95 -2.23 7.08
C VAL B 186 -17.67 -3.08 6.91
N SER B 187 -17.78 -4.28 6.37
CA SER B 187 -16.63 -5.18 6.08
C SER B 187 -16.25 -5.07 4.61
N ILE B 188 -15.06 -4.57 4.31
CA ILE B 188 -14.49 -4.51 2.95
C ILE B 188 -13.49 -5.65 2.82
N HIS B 189 -13.75 -6.60 1.96
CA HIS B 189 -12.89 -7.77 1.81
C HIS B 189 -12.07 -7.54 0.58
N ILE B 190 -10.77 -7.70 0.70
CA ILE B 190 -9.90 -7.42 -0.46
C ILE B 190 -10.06 -8.50 -1.53
N GLY B 191 -9.47 -8.22 -2.67
CA GLY B 191 -9.51 -9.08 -3.86
C GLY B 191 -10.91 -9.18 -4.45
N THR B 192 -11.80 -8.21 -4.21
CA THR B 192 -13.19 -8.23 -4.75
C THR B 192 -13.45 -6.98 -5.61
N GLY B 193 -14.34 -7.09 -6.60
CA GLY B 193 -14.79 -5.92 -7.39
C GLY B 193 -14.01 -5.74 -8.67
N ALA B 194 -12.98 -6.57 -8.90
CA ALA B 194 -11.98 -6.33 -9.96
C ALA B 194 -11.19 -7.62 -10.13
N ASP B 195 -10.66 -7.83 -11.34
CA ASP B 195 -9.73 -8.95 -11.66
C ASP B 195 -8.52 -8.88 -10.70
N THR B 196 -8.10 -10.01 -10.14
CA THR B 196 -6.97 -10.08 -9.16
C THR B 196 -5.67 -10.51 -9.87
N VAL B 197 -5.76 -10.94 -11.13
CA VAL B 197 -4.54 -11.32 -11.90
C VAL B 197 -4.11 -10.08 -12.69
N VAL B 198 -3.27 -9.25 -12.06
CA VAL B 198 -2.78 -7.97 -12.67
C VAL B 198 -1.42 -8.27 -13.28
N ALA B 199 -0.52 -8.94 -12.55
CA ALA B 199 0.88 -9.21 -12.96
C ALA B 199 0.93 -10.60 -13.59
N ARG B 200 1.69 -10.78 -14.68
CA ARG B 200 1.86 -12.12 -15.32
C ARG B 200 3.33 -12.47 -15.55
N GLY B 201 4.28 -11.56 -15.32
CA GLY B 201 5.70 -11.88 -15.50
C GLY B 201 6.30 -12.65 -14.32
N PRO B 202 7.65 -12.73 -14.24
CA PRO B 202 8.33 -13.34 -13.09
C PRO B 202 7.86 -12.73 -11.75
N GLY B 203 7.53 -13.56 -10.75
CA GLY B 203 7.05 -13.15 -9.42
C GLY B 203 5.56 -12.86 -9.39
N GLY B 204 4.85 -13.32 -10.42
CA GLY B 204 3.44 -12.94 -10.62
C GLY B 204 2.59 -13.27 -9.42
N ALA B 205 2.69 -14.48 -8.87
CA ALA B 205 1.84 -14.93 -7.76
C ALA B 205 2.05 -14.01 -6.54
N VAL B 206 3.28 -13.68 -6.24
CA VAL B 206 3.61 -12.83 -5.07
C VAL B 206 3.15 -11.39 -5.36
N ILE B 207 3.42 -10.91 -6.56
CA ILE B 207 3.00 -9.54 -7.00
C ILE B 207 1.49 -9.40 -6.89
N ASN B 208 0.72 -10.37 -7.38
CA ASN B 208 -0.75 -10.24 -7.36
C ASN B 208 -1.24 -10.22 -5.92
N TYR B 209 -0.65 -10.99 -5.01
CA TYR B 209 -1.12 -11.00 -3.60
C TYR B 209 -0.87 -9.59 -3.03
N VAL B 210 0.20 -8.92 -3.45
CA VAL B 210 0.48 -7.50 -3.06
C VAL B 210 -0.50 -6.53 -3.73
N GLU B 211 -0.77 -6.66 -5.02
CA GLU B 211 -1.69 -5.74 -5.74
C GLU B 211 -3.05 -5.66 -5.07
N THR B 212 -3.52 -6.71 -4.37
CA THR B 212 -4.88 -6.69 -3.76
C THR B 212 -4.90 -5.67 -2.62
N LEU B 213 -3.72 -5.31 -2.08
CA LEU B 213 -3.65 -4.29 -1.02
C LEU B 213 -4.05 -2.93 -1.57
N PHE B 214 -3.79 -2.64 -2.85
CA PHE B 214 -3.86 -1.22 -3.28
C PHE B 214 -5.30 -0.79 -3.18
N PRO B 215 -6.33 -1.56 -3.63
CA PRO B 215 -7.70 -1.13 -3.43
C PRO B 215 -8.08 -0.93 -1.96
N ALA B 216 -7.52 -1.73 -1.05
CA ALA B 216 -7.83 -1.63 0.39
C ALA B 216 -7.28 -0.31 0.94
N GLN B 217 -6.05 0.06 0.60
CA GLN B 217 -5.42 1.32 1.08
C GLN B 217 -6.15 2.52 0.47
N ARG B 218 -6.46 2.43 -0.82
CA ARG B 218 -7.26 3.48 -1.49
C ARG B 218 -8.62 3.63 -0.80
N ALA B 219 -9.30 2.54 -0.47
CA ALA B 219 -10.62 2.61 0.21
C ALA B 219 -10.51 3.32 1.56
N VAL B 220 -9.49 2.99 2.35
CA VAL B 220 -9.31 3.64 3.68
C VAL B 220 -9.07 5.14 3.42
N ALA B 221 -8.20 5.47 2.46
CA ALA B 221 -7.90 6.88 2.14
C ALA B 221 -9.16 7.59 1.73
N GLN B 222 -9.99 6.96 0.90
CA GLN B 222 -11.26 7.61 0.47
C GLN B 222 -12.20 7.83 1.66
N LEU B 223 -12.34 6.85 2.53
CA LEU B 223 -13.33 6.94 3.64
C LEU B 223 -12.85 8.01 4.65
N VAL B 224 -11.54 8.05 4.90
CA VAL B 224 -10.93 9.02 5.86
C VAL B 224 -10.98 10.42 5.25
N ALA B 225 -10.44 10.61 4.05
CA ALA B 225 -10.21 11.94 3.42
C ALA B 225 -11.53 12.60 3.02
N SER B 226 -12.57 11.81 2.69
CA SER B 226 -13.87 12.33 2.23
C SER B 226 -14.68 12.89 3.39
N GLY B 227 -14.34 12.51 4.61
CA GLY B 227 -15.16 12.88 5.78
C GLY B 227 -16.25 11.86 6.11
N ALA B 228 -16.38 10.74 5.36
CA ALA B 228 -17.39 9.68 5.61
C ALA B 228 -17.26 9.15 7.04
N LEU B 229 -16.04 8.83 7.50
CA LEU B 229 -15.89 8.37 8.90
C LEU B 229 -16.12 9.52 9.88
N ASP B 230 -15.64 10.72 9.56
CA ASP B 230 -15.73 11.92 10.44
C ASP B 230 -17.22 12.24 10.70
N ARG B 231 -18.04 12.17 9.65
CA ARG B 231 -19.48 12.49 9.71
C ARG B 231 -20.29 11.36 10.39
N HIS B 232 -19.76 10.16 10.54
CA HIS B 232 -20.45 8.99 11.11
C HIS B 232 -19.56 8.37 12.17
N PRO B 233 -19.42 9.04 13.35
CA PRO B 233 -18.57 8.51 14.41
C PRO B 233 -18.93 7.10 14.88
N GLY B 234 -20.18 6.66 14.68
CA GLY B 234 -20.63 5.31 15.09
C GLY B 234 -20.25 4.23 14.07
N LEU B 235 -19.83 4.60 12.86
CA LEU B 235 -19.51 3.68 11.74
C LEU B 235 -18.13 3.08 11.90
N ARG B 236 -18.05 1.76 11.94
CA ARG B 236 -16.76 1.04 12.02
C ARG B 236 -16.59 0.26 10.74
N VAL B 237 -15.35 0.20 10.23
CA VAL B 237 -14.99 -0.43 8.96
C VAL B 237 -13.95 -1.49 9.30
N LEU B 238 -14.23 -2.71 8.87
CA LEU B 238 -13.28 -3.81 8.91
C LEU B 238 -12.75 -3.98 7.49
N ILE B 239 -11.43 -3.85 7.34
CA ILE B 239 -10.67 -4.29 6.15
C ILE B 239 -10.24 -5.73 6.35
N ALA B 240 -10.80 -6.65 5.59
CA ALA B 240 -10.59 -8.08 5.84
C ALA B 240 -9.56 -8.58 4.87
N GLU B 241 -8.56 -9.29 5.40
CA GLU B 241 -7.58 -10.10 4.68
C GLU B 241 -6.55 -9.22 3.97
N ALA B 242 -6.25 -8.06 4.50
CA ALA B 242 -5.23 -7.17 3.90
C ALA B 242 -3.99 -7.02 4.80
N GLY B 243 -3.88 -7.77 5.88
CA GLY B 243 -2.84 -7.54 6.90
C GLY B 243 -3.07 -6.21 7.58
N CYS B 244 -2.14 -5.73 8.38
CA CYS B 244 -2.43 -4.68 9.39
C CYS B 244 -1.42 -3.53 9.42
N ALA B 245 -0.14 -3.80 9.24
CA ALA B 245 0.89 -2.79 9.63
C ALA B 245 0.91 -1.63 8.62
N TRP B 246 0.32 -1.78 7.42
CA TRP B 246 0.20 -0.66 6.46
C TRP B 246 -0.81 0.34 7.01
N VAL B 247 -1.69 -0.03 7.93
CA VAL B 247 -2.79 0.89 8.34
C VAL B 247 -2.19 2.08 9.09
N PRO B 248 -1.36 1.90 10.14
CA PRO B 248 -0.71 3.03 10.79
C PRO B 248 0.25 3.77 9.85
N ALA B 249 0.93 3.08 8.95
CA ALA B 249 1.74 3.73 7.88
C ALA B 249 0.86 4.69 7.10
N LEU B 250 -0.33 4.24 6.65
CA LEU B 250 -1.29 5.10 5.92
C LEU B 250 -1.80 6.26 6.75
N ALA B 251 -2.09 6.02 8.04
CA ALA B 251 -2.45 7.05 9.01
C ALA B 251 -1.40 8.20 8.95
N ASP B 252 -0.13 7.86 9.02
CA ASP B 252 0.95 8.89 9.00
C ASP B 252 1.00 9.60 7.65
N ARG B 253 0.85 8.86 6.54
CA ARG B 253 0.89 9.41 5.15
C ARG B 253 -0.22 10.46 5.04
N MET B 254 -1.43 10.12 5.47
CA MET B 254 -2.57 11.05 5.38
C MET B 254 -2.41 12.25 6.32
N ASP B 255 -1.86 12.06 7.52
CA ASP B 255 -1.58 13.18 8.46
C ASP B 255 -0.61 14.17 7.79
N GLU B 256 0.44 13.68 7.13
CA GLU B 256 1.45 14.54 6.46
C GLU B 256 0.77 15.35 5.34
N ALA B 257 -0.09 14.73 4.50
CA ALA B 257 -0.83 15.50 3.48
C ALA B 257 -1.72 16.53 4.16
N TYR B 258 -2.42 16.11 5.19
CA TYR B 258 -3.42 16.98 5.87
C TYR B 258 -2.73 18.26 6.39
N ARG B 259 -1.59 18.10 7.04
CA ARG B 259 -0.85 19.18 7.73
C ARG B 259 -0.02 19.99 6.73
N GLN B 260 0.72 19.35 5.83
CA GLN B 260 1.72 20.08 4.98
C GLN B 260 1.06 20.54 3.68
N HIS B 261 -0.01 19.86 3.24
CA HIS B 261 -0.74 20.22 1.99
C HIS B 261 -2.10 20.83 2.34
N GLY B 262 -2.24 21.36 3.54
CA GLY B 262 -3.53 21.82 4.10
C GLY B 262 -4.24 22.79 3.19
N MET B 263 -3.49 23.61 2.44
CA MET B 263 -4.11 24.69 1.64
C MET B 263 -4.86 24.03 0.47
N PHE B 264 -4.60 22.75 0.13
CA PHE B 264 -5.28 22.04 -0.98
C PHE B 264 -6.33 21.04 -0.46
N VAL B 265 -6.51 20.92 0.85
CA VAL B 265 -7.34 19.85 1.48
C VAL B 265 -8.80 20.30 1.59
N ARG B 266 -9.72 19.55 0.98
CA ARG B 266 -11.18 19.72 1.15
C ARG B 266 -11.80 18.32 1.07
N PRO B 267 -12.70 17.90 1.98
CA PRO B 267 -13.15 18.74 3.08
C PRO B 267 -12.11 18.79 4.21
N LYS B 268 -12.28 19.75 5.11
CA LYS B 268 -11.62 19.76 6.45
C LYS B 268 -12.25 18.65 7.27
N LEU B 269 -11.46 18.10 8.20
CA LEU B 269 -11.89 17.02 9.11
C LEU B 269 -11.91 17.55 10.55
N SER B 270 -12.78 16.97 11.38
CA SER B 270 -12.96 17.39 12.80
C SER B 270 -11.78 16.90 13.61
N MET B 271 -11.02 15.93 13.09
CA MET B 271 -9.79 15.41 13.74
C MET B 271 -8.87 14.94 12.62
N LEU B 272 -7.63 14.57 12.94
CA LEU B 272 -6.67 14.23 11.86
C LEU B 272 -7.04 12.87 11.29
N PRO B 273 -6.67 12.60 10.03
CA PRO B 273 -6.88 11.29 9.43
C PRO B 273 -6.43 10.16 10.36
N GLY B 274 -5.31 10.34 11.05
CA GLY B 274 -4.77 9.24 11.87
C GLY B 274 -5.64 8.96 13.08
N GLU B 275 -6.31 9.97 13.61
CA GLU B 275 -7.27 9.79 14.73
C GLU B 275 -8.54 9.06 14.24
N LEU B 276 -9.07 9.37 13.05
CA LEU B 276 -10.18 8.61 12.41
C LEU B 276 -9.78 7.15 12.23
N VAL B 277 -8.63 6.87 11.65
CA VAL B 277 -8.13 5.49 11.42
C VAL B 277 -8.10 4.74 12.76
N ARG B 278 -7.45 5.30 13.79
CA ARG B 278 -7.24 4.63 15.10
C ARG B 278 -8.58 4.46 15.82
N ARG B 279 -9.58 5.29 15.50
CA ARG B 279 -10.92 5.21 16.14
C ARG B 279 -11.82 4.18 15.41
N GLN B 280 -11.79 4.08 14.07
CA GLN B 280 -12.92 3.46 13.31
C GLN B 280 -12.47 2.44 12.27
N VAL B 281 -11.16 2.29 11.98
CA VAL B 281 -10.66 1.37 10.92
C VAL B 281 -9.97 0.20 11.59
N TYR B 282 -10.55 -0.99 11.39
CA TYR B 282 -10.06 -2.31 11.84
C TYR B 282 -9.53 -3.09 10.67
N ALA B 283 -8.65 -4.03 10.90
CA ALA B 283 -7.99 -4.81 9.86
C ALA B 283 -7.65 -6.18 10.39
N SER B 284 -7.78 -7.21 9.54
CA SER B 284 -7.53 -8.61 9.93
C SER B 284 -6.30 -9.10 9.23
N PHE B 285 -5.71 -10.16 9.75
CA PHE B 285 -4.54 -10.87 9.23
C PHE B 285 -4.62 -12.31 9.69
N GLN B 286 -3.86 -13.18 9.06
CA GLN B 286 -3.72 -14.61 9.38
C GLN B 286 -2.37 -14.93 10.02
N HIS B 287 -1.25 -14.62 9.35
CA HIS B 287 0.10 -15.09 9.75
C HIS B 287 1.02 -13.92 10.13
N ASP B 288 0.69 -12.67 9.76
CA ASP B 288 1.66 -11.54 9.73
C ASP B 288 2.19 -11.20 11.14
N GLU B 289 3.46 -11.45 11.45
CA GLU B 289 4.02 -11.02 12.77
C GLU B 289 3.94 -9.49 12.94
N THR B 290 4.03 -8.72 11.85
CA THR B 290 4.02 -7.24 11.94
C THR B 290 2.69 -6.76 12.52
N ALA B 291 1.63 -7.57 12.50
CA ALA B 291 0.33 -7.12 13.03
C ALA B 291 0.49 -6.87 14.53
N ILE B 292 1.29 -7.67 15.22
CA ILE B 292 1.48 -7.50 16.67
C ILE B 292 2.27 -6.20 16.92
N GLY B 293 3.36 -6.01 16.18
CA GLY B 293 4.14 -4.74 16.10
C GLY B 293 3.26 -3.50 15.96
N ALA B 294 2.22 -3.52 15.12
CA ALA B 294 1.36 -2.35 14.88
C ALA B 294 0.67 -1.98 16.18
N VAL B 295 0.31 -2.99 16.97
CA VAL B 295 -0.40 -2.73 18.25
C VAL B 295 0.61 -2.17 19.30
N THR B 296 1.74 -2.82 19.44
CA THR B 296 2.72 -2.57 20.55
C THR B 296 3.54 -1.30 20.29
N ALA B 297 3.78 -0.90 19.04
CA ALA B 297 4.71 0.22 18.76
C ALA B 297 4.07 1.34 17.94
N MET B 298 2.91 1.12 17.28
CA MET B 298 2.33 2.16 16.38
C MET B 298 0.97 2.56 16.91
N ASN B 299 0.64 2.16 18.14
CA ASN B 299 -0.61 2.63 18.80
C ASN B 299 -1.81 2.38 17.84
N TYR B 300 -1.77 1.27 17.11
CA TYR B 300 -2.88 0.83 16.24
C TYR B 300 -3.52 -0.44 16.85
N THR B 301 -4.56 -0.24 17.63
CA THR B 301 -5.10 -1.29 18.53
C THR B 301 -6.18 -2.09 17.79
N ASN B 302 -6.55 -1.70 16.55
CA ASN B 302 -7.75 -2.23 15.83
C ASN B 302 -7.40 -3.46 14.98
N VAL B 303 -6.48 -4.29 15.43
CA VAL B 303 -5.92 -5.47 14.74
C VAL B 303 -6.75 -6.69 15.18
N LEU B 304 -7.38 -7.41 14.26
CA LEU B 304 -8.14 -8.69 14.54
C LEU B 304 -7.45 -9.84 13.82
N TRP B 305 -7.34 -11.00 14.47
CA TRP B 305 -6.87 -12.22 13.80
C TRP B 305 -8.05 -12.84 13.03
N GLY B 306 -7.72 -13.53 11.95
CA GLY B 306 -8.64 -14.26 11.07
C GLY B 306 -7.98 -15.51 10.58
N SER B 307 -8.71 -16.63 10.51
CA SER B 307 -8.18 -17.89 9.95
C SER B 307 -8.17 -17.83 8.42
N ASP B 308 -9.07 -17.03 7.84
CA ASP B 308 -9.47 -17.05 6.41
C ASP B 308 -9.81 -18.48 5.95
N TYR B 309 -10.43 -19.23 6.85
CA TYR B 309 -10.86 -20.64 6.55
C TYR B 309 -11.75 -20.56 5.31
N PRO B 310 -11.56 -21.36 4.24
CA PRO B 310 -10.54 -22.40 4.10
C PRO B 310 -9.50 -22.15 3.04
N HIS B 311 -9.17 -20.87 2.80
CA HIS B 311 -8.25 -20.45 1.74
C HIS B 311 -6.84 -20.90 2.11
N LEU B 312 -6.01 -21.07 1.12
CA LEU B 312 -4.60 -21.42 1.29
C LEU B 312 -3.88 -20.32 2.10
N GLU B 313 -4.33 -19.07 1.99
CA GLU B 313 -3.69 -17.87 2.61
C GLU B 313 -3.87 -17.99 4.12
N GLY B 314 -4.86 -18.79 4.54
CA GLY B 314 -5.29 -18.89 5.95
C GLY B 314 -4.48 -19.93 6.74
N THR B 315 -4.84 -20.16 7.99
CA THR B 315 -4.03 -20.99 8.92
C THR B 315 -4.49 -22.47 8.91
N PHE B 316 -5.71 -22.76 8.46
CA PHE B 316 -6.26 -24.14 8.44
C PHE B 316 -5.33 -25.08 7.68
N PRO B 317 -5.00 -26.30 8.20
CA PRO B 317 -5.44 -26.80 9.50
C PRO B 317 -4.44 -26.64 10.65
N ARG B 318 -3.50 -25.69 10.54
CA ARG B 318 -2.38 -25.51 11.51
C ARG B 318 -2.65 -24.25 12.36
N THR B 319 -3.90 -23.95 12.68
CA THR B 319 -4.28 -22.71 13.39
C THR B 319 -3.54 -22.62 14.75
N GLN B 320 -3.55 -23.70 15.53
CA GLN B 320 -2.95 -23.68 16.90
C GLN B 320 -1.42 -23.52 16.78
N GLU B 321 -0.76 -24.19 15.84
CA GLU B 321 0.70 -24.08 15.61
C GLU B 321 1.06 -22.65 15.19
N VAL B 322 0.29 -22.00 14.30
CA VAL B 322 0.49 -20.58 13.89
C VAL B 322 0.32 -19.63 15.07
N VAL B 323 -0.80 -19.64 15.78
CA VAL B 323 -1.10 -18.56 16.76
C VAL B 323 -0.22 -18.75 17.99
N THR B 324 0.15 -20.00 18.33
CA THR B 324 1.09 -20.33 19.43
C THR B 324 2.45 -19.68 19.15
N GLU B 325 3.04 -19.92 17.98
CA GLU B 325 4.32 -19.28 17.55
C GLU B 325 4.16 -17.75 17.48
N LEU B 326 3.10 -17.20 16.88
CA LEU B 326 2.90 -15.72 16.80
C LEU B 326 2.98 -15.08 18.18
N PHE B 327 2.30 -15.66 19.16
CA PHE B 327 2.06 -14.95 20.44
C PHE B 327 3.02 -15.48 21.53
N ALA B 328 3.95 -16.34 21.17
CA ALA B 328 5.05 -16.80 22.05
C ALA B 328 5.77 -15.56 22.58
N GLY B 329 5.77 -15.37 23.90
CA GLY B 329 6.46 -14.26 24.56
C GLY B 329 5.76 -12.94 24.39
N VAL B 330 4.50 -12.91 23.91
CA VAL B 330 3.74 -11.64 23.72
C VAL B 330 2.88 -11.40 24.96
N ASP B 331 2.76 -10.15 25.34
CA ASP B 331 1.87 -9.73 26.43
C ASP B 331 0.52 -10.41 26.25
N PRO B 332 0.05 -11.22 27.22
CA PRO B 332 -1.29 -11.82 27.12
C PRO B 332 -2.42 -10.82 26.85
N GLU B 333 -2.32 -9.58 27.32
CA GLU B 333 -3.35 -8.54 27.04
C GLU B 333 -3.43 -8.27 25.52
N VAL B 334 -2.27 -8.19 24.88
CA VAL B 334 -2.16 -7.91 23.43
C VAL B 334 -2.71 -9.12 22.67
N ARG B 335 -2.34 -10.33 23.08
CA ARG B 335 -2.81 -11.61 22.47
C ARG B 335 -4.35 -11.64 22.57
N ASP B 336 -4.88 -11.27 23.72
CA ASP B 336 -6.33 -11.23 24.02
C ASP B 336 -7.04 -10.17 23.17
N LEU B 337 -6.44 -8.97 23.04
CA LEU B 337 -7.05 -7.90 22.23
C LEU B 337 -7.22 -8.37 20.77
N ILE B 338 -6.17 -8.96 20.20
CA ILE B 338 -6.00 -9.29 18.76
C ILE B 338 -6.80 -10.57 18.44
N THR B 339 -6.82 -11.56 19.35
CA THR B 339 -7.42 -12.88 19.06
C THR B 339 -8.87 -12.97 19.52
N ARG B 340 -9.34 -12.08 20.39
CA ARG B 340 -10.65 -12.24 21.05
C ARG B 340 -11.41 -10.94 21.11
N ARG B 341 -10.85 -9.91 21.75
CA ARG B 341 -11.62 -8.74 22.20
C ARG B 341 -12.02 -7.80 21.05
N ASN B 342 -11.17 -7.52 20.06
CA ASN B 342 -11.62 -6.60 18.97
C ASN B 342 -12.82 -7.28 18.27
N PHE B 343 -12.72 -8.59 18.05
CA PHE B 343 -13.82 -9.40 17.47
C PHE B 343 -15.11 -9.08 18.20
N THR B 344 -15.13 -9.08 19.54
CA THR B 344 -16.40 -8.96 20.31
C THR B 344 -16.81 -7.50 20.45
N ASP B 345 -15.92 -6.54 20.15
CA ASP B 345 -16.37 -5.12 20.04
C ASP B 345 -17.27 -4.94 18.81
N LEU B 346 -16.90 -5.58 17.70
CA LEU B 346 -17.56 -5.47 16.37
C LEU B 346 -18.83 -6.33 16.33
N PHE B 347 -18.70 -7.57 16.82
CA PHE B 347 -19.62 -8.71 16.56
C PHE B 347 -20.04 -9.34 17.89
N THR B 348 -21.28 -9.82 17.92
CA THR B 348 -21.92 -10.41 19.11
C THR B 348 -22.00 -11.90 18.85
N VAL B 349 -21.24 -12.69 19.62
CA VAL B 349 -21.37 -14.17 19.75
C VAL B 349 -21.46 -14.49 21.23
N PRO B 350 -21.86 -15.71 21.64
CA PRO B 350 -21.91 -16.02 23.08
C PRO B 350 -20.51 -15.94 23.71
N ALA B 351 -20.43 -15.29 24.86
CA ALA B 351 -19.13 -14.99 25.54
C ALA B 351 -18.55 -16.26 26.18
N LEU B 352 -17.29 -16.58 25.91
CA LEU B 352 -16.63 -17.70 26.62
C LEU B 352 -16.43 -17.24 28.07
N PRO B 353 -16.28 -18.13 29.06
CA PRO B 353 -15.75 -17.72 30.35
C PRO B 353 -14.26 -17.47 30.04
N ALA B 354 -13.87 -16.19 29.91
CA ALA B 354 -12.47 -15.71 29.85
C ALA B 354 -11.83 -15.87 31.24
N THR B 355 -12.57 -16.52 32.16
CA THR B 355 -12.06 -17.36 33.28
C THR B 355 -10.75 -18.04 32.87
N VAL B 356 -10.75 -18.63 31.66
CA VAL B 356 -9.60 -19.40 31.08
C VAL B 356 -8.68 -18.40 30.35
C ACT C . 17.86 21.55 3.75
O ACT C . 17.80 20.32 3.60
OXT ACT C . 17.36 22.18 4.72
CH3 ACT C . 18.68 22.33 2.72
C ACT D . 28.08 10.98 9.74
O ACT D . 29.07 10.48 10.32
OXT ACT D . 26.95 11.03 10.25
CH3 ACT D . 28.30 11.62 8.35
C ACT E . 1.83 29.29 -20.38
O ACT E . 1.39 28.38 -19.60
OXT ACT E . 1.55 30.52 -20.27
CH3 ACT E . 2.77 28.89 -21.49
C ACT F . 7.02 20.82 15.06
O ACT F . 7.06 21.09 13.85
OXT ACT F . 7.10 21.70 15.96
CH3 ACT F . 6.86 19.35 15.47
C ACT G . 30.25 13.94 -7.70
O ACT G . 31.18 14.58 -8.20
OXT ACT G . 30.00 13.94 -6.50
CH3 ACT G . 29.35 13.13 -8.63
MN MN H . 11.82 13.82 -2.20
MN MN I . 8.52 15.67 -2.18
MN MN J . 6.66 21.36 5.33
C ACT K . -15.38 -14.54 23.38
O ACT K . -14.26 -14.15 22.91
OXT ACT K . -15.56 -14.85 24.58
CH3 ACT K . -16.59 -14.64 22.45
C ACT L . 3.78 -8.12 -15.07
O ACT L . 4.42 -9.06 -14.60
OXT ACT L . 2.91 -8.25 -15.94
CH3 ACT L . 4.06 -6.71 -14.53
C ACT M . -6.42 -31.72 8.90
O ACT M . -6.49 -32.02 7.66
OXT ACT M . -7.29 -31.02 9.50
CH3 ACT M . -5.22 -32.26 9.72
C ACT N . -28.75 -13.87 11.49
O ACT N . -27.79 -13.99 12.29
OXT ACT N . -29.83 -14.52 11.58
CH3 ACT N . -28.60 -12.89 10.34
C10 MZD O . -12.76 -15.39 -4.74
C13 MZD O . -9.56 -13.18 -4.62
C15 MZD O . -7.34 -13.60 -3.31
C17 MZD O . -6.50 -13.15 -4.54
C20 MZD O . -4.51 -13.65 -7.21
C22 MZD O . -4.16 -15.98 -7.76
C24 MZD O . -1.89 -17.06 -7.92
C26 MZD O . -1.61 -15.89 -10.11
O35 MZD O . 0.84 -18.18 -15.76
P34 MZD O . 0.89 -16.74 -16.07
O36 MZD O . -0.29 -16.11 -16.72
O37 MZD O . 2.22 -16.10 -16.27
O33 MZD O . 0.65 -16.19 -14.52
C32 MZD O . -0.52 -16.48 -13.78
C29 MZD O . -0.26 -16.12 -12.30
C30 MZD O . 0.61 -17.21 -11.62
C31 MZD O . 0.48 -14.76 -12.20
C27 MZD O . -1.67 -16.05 -11.64
O28 MZD O . -2.40 -17.29 -11.95
O38 MZD O . -1.29 -14.81 -9.62
N25 MZD O . -1.88 -17.02 -9.39
C23 MZD O . -3.35 -17.31 -7.55
O39 MZD O . -5.05 -15.90 -8.62
N21 MZD O . -3.75 -14.90 -7.09
C19 MZD O . -4.11 -12.77 -6.01
S18 MZD O . -4.74 -13.55 -4.43
O40 MZD O . -6.98 -12.52 -5.48
C16 MZD O . -7.54 -12.35 -2.43
C41 MZD O . -6.59 -14.60 -2.44
C42 MZD O . -6.63 -16.03 -3.05
C43 MZD O . -8.06 -16.49 -3.25
C44 MZD O . -8.79 -15.62 -4.35
C45 MZD O . -8.11 -15.71 -5.75
C07 MZD O . -10.33 -16.05 -4.37
C14 MZD O . -8.80 -14.16 -3.75
C11 MZD O . -11.07 -13.57 -4.61
O12 MZD O . -11.81 -12.71 -5.58
C08 MZD O . -11.29 -15.00 -5.07
C02 MZD O . -12.83 -16.79 -5.32
C01 MZD O . -14.29 -17.18 -5.53
O06 MZD O . -12.08 -17.81 -4.47
C05 MZD O . -10.70 -17.51 -4.88
C04 MZD O . -10.82 -17.65 -6.39
C03 MZD O . -11.94 -16.63 -6.62
C09 MZD O . -11.38 -15.19 -6.58
MN MN P . -10.94 -13.92 3.55
MN MN Q . -8.46 -15.47 1.20
MN MN R . -26.71 -29.48 -11.26
MN MN S . -2.46 -22.23 4.53
#